data_9KMI
#
_entry.id   9KMI
#
_cell.length_a   1.00
_cell.length_b   1.00
_cell.length_c   1.00
_cell.angle_alpha   90.00
_cell.angle_beta   90.00
_cell.angle_gamma   90.00
#
_symmetry.space_group_name_H-M   'P 1'
#
loop_
_entity.id
_entity.type
_entity.pdbx_description
1 polymer 'Sodium- and chloride-dependent taurine transporter'
2 polymer 'Heavy chain of 9D5 Fab'
3 polymer 'Light chain of 9D5 Fab'
4 non-polymer '2-AMINOETHANESULFONIC ACID'
5 non-polymer 'CHLORIDE ION'
6 non-polymer 'SODIUM ION'
7 water water
#
loop_
_entity_poly.entity_id
_entity_poly.type
_entity_poly.pdbx_seq_one_letter_code
_entity_poly.pdbx_strand_id
1 'polypeptide(L)'
;MATKEKLQCLKDFHKDILKPSPGKSPGTRPEDEADGKPPQREKWSSKIDFVLSVAGGFVGLGNVWRFPYLCYKNGGGAFL
IPYFIFLFGSGLPVFFLEVIIGQYTSEGGITCWEKICPLFSGIGYASIVIVSLLNVYYIVILAWATYYLFHSFQKDLPWA
HCNHSWNTPQCMEDTLRRNESHWVSLSTANFTSPVIEFWERNVLSLSSGIDNPGSLKWDLALCLLLVWLVCFFCIWKGVR
STGKVVYFTATFPFAMLLVLLVRGLTLPGAGEGIKFYLYPDISRLGDPQVWIDAGTQIFFSYAICLGAMTSLGSYNKYKY
NSYRDCMLLGCLNSGTSFVSGFAIFSILGFMAQEQGVDIADVAESGPGLAFIAYPKAVTMMPLPTFWSILFFIMLLLLGL
DSQFVEVEGQITSLVDLYPSFLRKGYRREIFIAILCSISYLLGLTMVTEGGMYVFQLFDYYAASGVCLLWVAFFECFVIA
WIYGVNRFSEDIRDMIGYRPGPWMKYSWAVITPALCVGCFVFSLVKYVPLTYNKVYRYPDWAIGLGWGLALSSMLCIPLV
IVILLCRTEGPLRVRIKYLITPREPNRWAVEREGATPFHSRVTLMNGALMKPSHVIVETMM
;
A
2 'polypeptide(L)'
;EVQLVESGGGLVKPGGSLKLSCAASGFTFSSYAMSWVRQSPEKRLEWVAEISSGGRYIYYSDTVTGRFTISRDNARNILH
LEMSSLRSEDTAMYYCARGEVRQRGFDYWGQGTTLTVS
;
H
3 'polypeptide(L)'
;ENVLTQSPAIMSTSPGEKVTMTCRASSSVGSSYLHWYQQKSGASPKLWIYSTSNLASGVPARFSGSGSGTSYSLTISSVE
AEDAATYYCQQFSGYPLTFGSGTKLEMK
;
L
#
loop_
_chem_comp.id
_chem_comp.type
_chem_comp.name
_chem_comp.formula
CL non-polymer 'CHLORIDE ION' 'Cl -1'
NA non-polymer 'SODIUM ION' 'Na 1'
TAU non-polymer '2-AMINOETHANESULFONIC ACID' 'C2 H7 N O3 S'
#
# COMPACT_ATOMS: atom_id res chain seq x y z
N PRO A 39 1.96 -14.03 -23.31
CA PRO A 39 2.55 -12.74 -23.67
C PRO A 39 2.95 -11.93 -22.44
N GLN A 40 3.58 -10.78 -22.65
CA GLN A 40 3.83 -9.85 -21.55
C GLN A 40 2.50 -9.31 -21.06
N ARG A 41 2.29 -9.35 -19.75
CA ARG A 41 0.99 -9.04 -19.17
C ARG A 41 0.55 -7.60 -19.39
N GLU A 42 1.20 -6.68 -18.66
CA GLU A 42 0.97 -5.24 -18.69
C GLU A 42 1.94 -4.59 -17.71
N LYS A 43 2.27 -3.33 -17.93
CA LYS A 43 2.93 -2.52 -16.93
C LYS A 43 2.24 -1.16 -16.92
N TRP A 44 2.38 -0.44 -15.81
CA TRP A 44 1.85 0.92 -15.76
C TRP A 44 2.63 1.80 -16.72
N SER A 45 1.92 2.52 -17.57
CA SER A 45 2.59 3.40 -18.53
C SER A 45 2.75 4.81 -17.97
N SER A 46 3.20 4.87 -16.72
CA SER A 46 3.60 6.05 -15.94
C SER A 46 4.01 5.53 -14.58
N LYS A 47 4.53 6.43 -13.76
CA LYS A 47 4.63 6.19 -12.33
C LYS A 47 3.42 6.74 -11.58
N ILE A 48 2.49 7.38 -12.29
CA ILE A 48 1.30 7.97 -11.69
C ILE A 48 0.07 7.11 -11.90
N ASP A 49 0.14 6.12 -12.80
CA ASP A 49 -0.98 5.20 -12.95
C ASP A 49 -1.16 4.31 -11.72
N PHE A 50 -0.06 3.92 -11.09
CA PHE A 50 -0.15 3.20 -9.83
C PHE A 50 -0.72 4.09 -8.72
N VAL A 51 -0.26 5.34 -8.67
CA VAL A 51 -0.72 6.28 -7.64
C VAL A 51 -2.20 6.59 -7.84
N LEU A 52 -2.64 6.76 -9.09
CA LEU A 52 -4.05 7.00 -9.34
C LEU A 52 -4.88 5.75 -9.13
N SER A 53 -4.31 4.57 -9.38
CA SER A 53 -5.08 3.33 -9.24
C SER A 53 -5.29 2.99 -7.78
N VAL A 54 -4.25 3.10 -6.95
CA VAL A 54 -4.45 2.84 -5.52
C VAL A 54 -5.00 4.05 -4.80
N ALA A 55 -4.96 5.24 -5.41
CA ALA A 55 -5.51 6.43 -4.76
C ALA A 55 -7.02 6.41 -4.77
N GLY A 56 -7.61 5.99 -5.87
CA GLY A 56 -9.03 5.68 -5.89
C GLY A 56 -9.32 4.26 -5.51
N GLY A 57 -8.30 3.48 -5.19
CA GLY A 57 -8.48 2.08 -4.89
C GLY A 57 -8.90 1.83 -3.47
N PHE A 58 -8.15 2.36 -2.50
CA PHE A 58 -8.51 2.20 -1.10
C PHE A 58 -8.89 3.52 -0.44
N VAL A 59 -9.15 4.57 -1.22
CA VAL A 59 -9.85 5.72 -0.65
C VAL A 59 -11.26 5.70 -1.23
N GLY A 60 -12.18 5.09 -0.49
CA GLY A 60 -13.54 4.93 -0.95
C GLY A 60 -14.52 5.05 0.18
N LEU A 61 -15.43 4.07 0.28
CA LEU A 61 -16.46 4.10 1.31
C LEU A 61 -15.99 3.54 2.64
N GLY A 62 -14.79 2.95 2.71
CA GLY A 62 -14.25 2.56 3.99
C GLY A 62 -13.83 3.74 4.83
N ASN A 63 -13.62 4.90 4.21
CA ASN A 63 -13.24 6.12 4.90
C ASN A 63 -14.42 7.01 5.20
N VAL A 64 -15.29 7.23 4.21
CA VAL A 64 -16.38 8.19 4.35
C VAL A 64 -17.67 7.54 4.82
N TRP A 65 -17.78 6.23 4.75
CA TRP A 65 -19.00 5.57 5.20
C TRP A 65 -18.75 4.57 6.32
N ARG A 66 -17.65 3.82 6.28
CA ARG A 66 -17.45 2.71 7.21
C ARG A 66 -16.76 3.12 8.50
N PHE A 67 -15.68 3.88 8.39
CA PHE A 67 -15.04 4.42 9.59
C PHE A 67 -15.98 5.27 10.44
N PRO A 68 -16.88 6.12 9.89
CA PRO A 68 -17.92 6.72 10.73
C PRO A 68 -18.74 5.78 11.60
N TYR A 69 -19.37 4.74 11.05
CA TYR A 69 -20.24 4.00 11.96
C TYR A 69 -19.45 3.00 12.78
N LEU A 70 -18.28 2.59 12.33
CA LEU A 70 -17.49 1.72 13.19
C LEU A 70 -16.88 2.50 14.34
N CYS A 71 -16.62 3.79 14.12
CA CYS A 71 -16.22 4.67 15.21
C CYS A 71 -17.40 4.94 16.14
N TYR A 72 -18.57 5.20 15.56
CA TYR A 72 -19.77 5.53 16.31
C TYR A 72 -20.33 4.35 17.08
N LYS A 73 -20.21 3.15 16.51
CA LYS A 73 -20.73 1.94 17.11
C LYS A 73 -19.94 1.55 18.35
N ASN A 74 -18.65 1.90 18.38
CA ASN A 74 -17.76 1.53 19.46
C ASN A 74 -17.43 2.70 20.39
N GLY A 75 -18.17 3.80 20.30
CA GLY A 75 -18.05 4.87 21.25
C GLY A 75 -17.20 6.05 20.85
N GLY A 76 -16.76 6.12 19.61
CA GLY A 76 -16.09 7.32 19.12
C GLY A 76 -14.64 7.44 19.49
N GLY A 77 -14.35 7.84 20.73
CA GLY A 77 -12.97 8.07 21.10
C GLY A 77 -12.18 6.80 21.27
N ALA A 78 -12.82 5.75 21.80
CA ALA A 78 -12.12 4.50 22.08
C ALA A 78 -11.76 3.74 20.83
N PHE A 79 -12.39 4.05 19.70
CA PHE A 79 -12.09 3.39 18.43
C PHE A 79 -10.77 3.84 17.84
N LEU A 80 -10.31 5.05 18.17
CA LEU A 80 -9.14 5.60 17.50
C LEU A 80 -7.84 5.00 18.00
N ILE A 81 -7.78 4.51 19.24
CA ILE A 81 -6.59 3.88 19.77
C ILE A 81 -6.25 2.57 19.02
N PRO A 82 -7.16 1.58 18.86
CA PRO A 82 -6.78 0.43 18.05
C PRO A 82 -6.73 0.72 16.57
N TYR A 83 -7.41 1.78 16.13
CA TYR A 83 -7.32 2.21 14.73
C TYR A 83 -5.89 2.59 14.39
N PHE A 84 -5.28 3.43 15.22
CA PHE A 84 -3.91 3.86 14.96
C PHE A 84 -2.88 2.80 15.32
N ILE A 85 -3.19 1.93 16.31
CA ILE A 85 -2.32 0.81 16.62
C ILE A 85 -2.22 -0.13 15.42
N PHE A 86 -3.36 -0.47 14.82
CA PHE A 86 -3.36 -1.30 13.63
C PHE A 86 -2.91 -0.55 12.38
N LEU A 87 -2.97 0.77 12.40
CA LEU A 87 -2.50 1.54 11.27
C LEU A 87 -0.98 1.56 11.19
N PHE A 88 -0.34 1.98 12.28
CA PHE A 88 1.11 2.07 12.31
C PHE A 88 1.79 0.77 12.71
N GLY A 89 1.03 -0.26 13.03
CA GLY A 89 1.64 -1.53 13.34
C GLY A 89 1.37 -2.57 12.28
N SER A 90 0.17 -2.55 11.70
CA SER A 90 -0.24 -3.56 10.75
C SER A 90 -0.52 -3.01 9.36
N GLY A 91 -1.44 -2.05 9.22
CA GLY A 91 -2.06 -1.81 7.92
C GLY A 91 -1.16 -1.20 6.87
N LEU A 92 -0.35 -0.22 7.26
CA LEU A 92 0.62 0.31 6.31
C LEU A 92 1.76 -0.66 6.01
N PRO A 93 2.31 -1.42 6.99
CA PRO A 93 3.20 -2.53 6.61
C PRO A 93 2.59 -3.59 5.72
N VAL A 94 1.34 -4.02 5.94
CA VAL A 94 0.76 -5.01 5.04
C VAL A 94 0.43 -4.38 3.69
N PHE A 95 0.16 -3.07 3.66
CA PHE A 95 -0.04 -2.39 2.39
C PHE A 95 1.22 -2.39 1.55
N PHE A 96 2.34 -2.01 2.17
CA PHE A 96 3.63 -2.12 1.50
C PHE A 96 3.94 -3.57 1.14
N LEU A 97 3.54 -4.51 2.00
CA LEU A 97 3.87 -5.91 1.80
C LEU A 97 3.20 -6.47 0.55
N GLU A 98 1.90 -6.25 0.40
CA GLU A 98 1.22 -6.68 -0.82
C GLU A 98 1.66 -5.93 -2.06
N VAL A 99 1.97 -4.63 -1.95
CA VAL A 99 2.46 -3.91 -3.13
C VAL A 99 3.80 -4.49 -3.61
N ILE A 100 4.69 -4.83 -2.68
CA ILE A 100 5.94 -5.47 -3.05
C ILE A 100 5.74 -6.91 -3.55
N ILE A 101 4.80 -7.66 -2.97
CA ILE A 101 4.56 -9.01 -3.47
C ILE A 101 4.02 -8.96 -4.89
N GLY A 102 3.27 -7.91 -5.23
CA GLY A 102 2.94 -7.67 -6.63
C GLY A 102 4.13 -7.25 -7.46
N GLN A 103 5.00 -6.39 -6.92
CA GLN A 103 6.07 -5.81 -7.74
C GLN A 103 7.19 -6.81 -8.00
N TYR A 104 7.57 -7.59 -7.00
CA TYR A 104 8.62 -8.59 -7.14
C TYR A 104 8.15 -9.74 -7.99
N THR A 105 7.12 -10.44 -7.54
CA THR A 105 6.46 -11.48 -8.32
C THR A 105 5.43 -10.77 -9.17
N SER A 106 5.74 -10.51 -10.43
CA SER A 106 4.85 -9.71 -11.28
C SER A 106 3.62 -10.52 -11.70
N GLU A 107 2.83 -10.93 -10.71
CA GLU A 107 1.61 -11.70 -10.85
C GLU A 107 0.63 -11.15 -9.83
N GLY A 108 -0.64 -11.47 -10.04
CA GLY A 108 -1.66 -10.87 -9.19
C GLY A 108 -2.35 -11.82 -8.26
N GLY A 109 -2.37 -11.48 -6.98
CA GLY A 109 -3.28 -12.10 -6.03
C GLY A 109 -2.99 -13.53 -5.66
N ILE A 110 -3.21 -14.45 -6.61
CA ILE A 110 -3.15 -15.88 -6.35
C ILE A 110 -1.80 -16.44 -6.72
N THR A 111 -1.41 -16.23 -7.99
CA THR A 111 -0.18 -16.81 -8.50
C THR A 111 1.06 -16.09 -8.01
N CYS A 112 0.90 -14.94 -7.34
CA CYS A 112 2.05 -14.26 -6.74
C CYS A 112 2.68 -15.10 -5.64
N TRP A 113 1.92 -15.99 -5.02
CA TRP A 113 2.45 -16.91 -4.02
C TRP A 113 3.16 -18.10 -4.63
N GLU A 114 3.17 -18.22 -5.96
CA GLU A 114 3.95 -19.29 -6.58
C GLU A 114 5.46 -19.08 -6.39
N LYS A 115 5.91 -17.85 -6.18
CA LYS A 115 7.31 -17.58 -5.88
C LYS A 115 7.51 -17.10 -4.46
N ILE A 116 6.47 -17.17 -3.62
CA ILE A 116 6.48 -16.75 -2.23
C ILE A 116 5.94 -17.90 -1.37
N CYS A 117 6.55 -19.11 -1.49
CA CYS A 117 6.15 -20.33 -0.78
C CYS A 117 4.79 -20.82 -1.24
N PRO A 118 4.75 -21.59 -2.33
CA PRO A 118 3.48 -22.02 -2.93
C PRO A 118 2.57 -22.86 -2.04
N LEU A 119 3.08 -23.46 -0.96
CA LEU A 119 2.23 -24.19 -0.02
C LEU A 119 1.13 -23.29 0.53
N PHE A 120 1.47 -22.06 0.86
CA PHE A 120 0.49 -21.06 1.22
C PHE A 120 0.09 -20.24 0.00
N SER A 121 -0.24 -20.93 -1.09
CA SER A 121 -0.85 -20.27 -2.23
C SER A 121 -2.31 -19.94 -1.95
N GLY A 122 -2.93 -20.67 -1.01
CA GLY A 122 -4.33 -20.50 -0.68
C GLY A 122 -4.66 -19.16 -0.08
N ILE A 123 -3.65 -18.47 0.47
CA ILE A 123 -3.82 -17.08 0.91
C ILE A 123 -4.34 -16.23 -0.22
N GLY A 124 -3.73 -16.41 -1.41
CA GLY A 124 -4.23 -15.74 -2.59
C GLY A 124 -5.67 -16.11 -2.89
N TYR A 125 -5.99 -17.41 -2.84
CA TYR A 125 -7.36 -17.86 -3.01
C TYR A 125 -8.25 -17.28 -1.94
N ALA A 126 -7.75 -17.23 -0.70
CA ALA A 126 -8.49 -16.64 0.40
C ALA A 126 -8.81 -15.20 0.11
N SER A 127 -7.83 -14.47 -0.42
CA SER A 127 -8.02 -13.06 -0.76
C SER A 127 -9.11 -12.90 -1.80
N ILE A 128 -9.14 -13.79 -2.79
CA ILE A 128 -10.14 -13.68 -3.84
C ILE A 128 -11.52 -13.94 -3.30
N VAL A 129 -11.65 -14.91 -2.38
CA VAL A 129 -12.96 -15.16 -1.78
C VAL A 129 -13.41 -13.93 -1.02
N ILE A 130 -12.47 -13.30 -0.31
CA ILE A 130 -12.75 -12.07 0.43
C ILE A 130 -13.22 -10.99 -0.53
N VAL A 131 -12.49 -10.80 -1.63
CA VAL A 131 -12.81 -9.66 -2.47
C VAL A 131 -14.09 -9.96 -3.23
N SER A 132 -14.36 -11.27 -3.49
CA SER A 132 -15.61 -11.63 -4.14
C SER A 132 -16.78 -11.25 -3.28
N LEU A 133 -16.69 -11.57 -1.98
CA LEU A 133 -17.76 -11.20 -1.06
C LEU A 133 -17.82 -9.69 -0.91
N LEU A 134 -16.65 -9.03 -0.91
CA LEU A 134 -16.63 -7.58 -0.88
C LEU A 134 -17.28 -7.02 -2.13
N ASN A 135 -16.97 -7.61 -3.29
CA ASN A 135 -17.53 -7.13 -4.54
C ASN A 135 -19.02 -7.33 -4.62
N VAL A 136 -19.59 -8.13 -3.73
CA VAL A 136 -21.04 -8.14 -3.60
C VAL A 136 -21.43 -6.93 -2.76
N TYR A 137 -21.05 -6.93 -1.48
CA TYR A 137 -21.81 -6.12 -0.54
C TYR A 137 -21.48 -4.64 -0.66
N TYR A 138 -20.22 -4.33 -1.00
CA TYR A 138 -19.78 -2.97 -1.21
C TYR A 138 -20.66 -2.26 -2.23
N ILE A 139 -21.02 -2.95 -3.31
CA ILE A 139 -21.73 -2.25 -4.37
C ILE A 139 -23.16 -1.96 -3.98
N VAL A 140 -23.68 -2.68 -2.96
CA VAL A 140 -25.02 -2.44 -2.48
C VAL A 140 -25.12 -1.05 -1.88
N ILE A 141 -24.01 -0.59 -1.27
CA ILE A 141 -23.94 0.76 -0.72
C ILE A 141 -24.21 1.78 -1.80
N LEU A 142 -23.61 1.56 -2.97
CA LEU A 142 -23.74 2.49 -4.08
C LEU A 142 -25.17 2.51 -4.58
N ALA A 143 -25.85 1.36 -4.51
CA ALA A 143 -27.26 1.29 -4.83
C ALA A 143 -28.06 2.24 -3.96
N TRP A 144 -27.78 2.22 -2.65
CA TRP A 144 -28.42 3.16 -1.74
C TRP A 144 -28.06 4.59 -2.09
N ALA A 145 -26.79 4.83 -2.43
CA ALA A 145 -26.37 6.16 -2.85
C ALA A 145 -27.09 6.56 -4.13
N THR A 146 -27.24 5.61 -5.06
CA THR A 146 -27.97 5.92 -6.27
C THR A 146 -29.45 6.13 -5.98
N TYR A 147 -29.99 5.39 -5.00
CA TYR A 147 -31.37 5.65 -4.60
C TYR A 147 -31.47 6.99 -3.89
N TYR A 148 -30.41 7.42 -3.24
CA TYR A 148 -30.41 8.76 -2.71
C TYR A 148 -30.13 9.80 -3.78
N LEU A 149 -29.48 9.39 -4.87
CA LEU A 149 -29.19 10.36 -5.92
C LEU A 149 -30.43 10.69 -6.73
N PHE A 150 -31.25 9.67 -7.03
CA PHE A 150 -32.49 9.91 -7.77
C PHE A 150 -33.51 10.65 -6.92
N HIS A 151 -33.44 10.50 -5.61
CA HIS A 151 -34.31 11.24 -4.71
C HIS A 151 -33.79 12.63 -4.39
N SER A 152 -32.56 12.95 -4.80
CA SER A 152 -31.97 14.24 -4.51
C SER A 152 -32.40 15.32 -5.50
N PHE A 153 -32.96 14.93 -6.65
CA PHE A 153 -33.30 15.89 -7.69
C PHE A 153 -34.58 16.66 -7.41
N GLN A 154 -35.31 16.30 -6.36
CA GLN A 154 -36.45 17.08 -5.94
C GLN A 154 -35.99 18.42 -5.38
N LYS A 155 -36.82 19.45 -5.58
CA LYS A 155 -36.51 20.76 -5.01
C LYS A 155 -36.67 20.75 -3.49
N ASP A 156 -37.44 19.83 -2.95
CA ASP A 156 -37.59 19.62 -1.51
C ASP A 156 -37.13 18.21 -1.19
N LEU A 157 -36.12 18.09 -0.34
CA LEU A 157 -35.49 16.80 -0.09
C LEU A 157 -36.41 15.91 0.73
N PRO A 158 -36.51 14.59 0.41
CA PRO A 158 -37.48 13.72 1.11
C PRO A 158 -37.11 13.41 2.54
N TRP A 159 -35.85 13.56 2.93
CA TRP A 159 -35.44 13.38 4.32
C TRP A 159 -35.42 14.69 5.09
N ALA A 160 -35.67 15.81 4.43
CA ALA A 160 -35.67 17.11 5.09
C ALA A 160 -36.96 17.39 5.83
N HIS A 161 -38.00 16.59 5.61
CA HIS A 161 -39.30 16.77 6.24
C HIS A 161 -40.06 15.46 6.19
N CYS A 162 -40.94 15.25 7.16
CA CYS A 162 -41.73 14.02 7.21
C CYS A 162 -43.23 14.37 7.27
N ASN A 163 -43.83 14.43 6.09
CA ASN A 163 -45.27 14.39 5.89
C ASN A 163 -45.59 13.46 4.74
N HIS A 164 -44.83 12.38 4.63
CA HIS A 164 -44.86 11.48 3.49
C HIS A 164 -45.64 10.22 3.80
N SER A 165 -45.57 9.26 2.88
CA SER A 165 -46.29 8.01 3.06
C SER A 165 -45.49 7.00 3.86
N TRP A 166 -44.16 7.03 3.73
CA TRP A 166 -43.33 5.99 4.32
C TRP A 166 -43.16 6.15 5.82
N ASN A 167 -43.43 7.32 6.37
CA ASN A 167 -43.08 7.65 7.74
C ASN A 167 -44.10 7.13 8.75
N THR A 168 -43.68 7.05 10.01
CA THR A 168 -44.59 6.77 11.11
C THR A 168 -45.28 8.06 11.54
N PRO A 169 -46.41 7.99 12.24
CA PRO A 169 -46.97 9.18 12.89
C PRO A 169 -46.14 9.71 14.06
N GLN A 170 -45.12 8.98 14.51
CA GLN A 170 -44.27 9.39 15.62
C GLN A 170 -43.09 10.24 15.16
N CYS A 171 -43.09 10.70 13.92
CA CYS A 171 -42.02 11.50 13.37
C CYS A 171 -42.27 12.98 13.61
N MET A 172 -41.28 13.66 14.17
CA MET A 172 -41.30 15.11 14.32
C MET A 172 -40.07 15.67 13.64
N GLU A 173 -40.17 16.91 13.15
CA GLU A 173 -39.02 17.60 12.58
C GLU A 173 -37.96 17.82 13.64
N ASP A 174 -36.68 17.81 13.21
CA ASP A 174 -35.58 17.99 14.16
C ASP A 174 -35.57 19.39 14.75
N THR A 175 -36.08 20.37 14.01
CA THR A 175 -36.15 21.73 14.52
C THR A 175 -37.21 21.90 15.61
N LEU A 176 -38.14 20.95 15.75
CA LEU A 176 -39.25 21.07 16.68
C LEU A 176 -39.15 20.11 17.86
N ARG A 177 -38.05 19.40 18.03
CA ARG A 177 -37.94 18.45 19.11
C ARG A 177 -37.52 19.08 20.43
N ARG A 178 -37.25 20.39 20.45
CA ARG A 178 -37.09 21.14 21.68
C ARG A 178 -38.24 22.14 21.88
N ASN A 179 -39.42 21.81 21.35
CA ASN A 179 -40.59 22.66 21.47
C ASN A 179 -41.83 21.92 21.95
N GLU A 180 -41.83 20.58 21.92
CA GLU A 180 -42.98 19.79 22.34
C GLU A 180 -42.51 18.68 23.27
N SER A 181 -43.43 18.23 24.12
CA SER A 181 -43.14 17.18 25.09
C SER A 181 -43.02 15.81 24.42
N ALA A 189 -37.42 9.97 23.65
CA ALA A 189 -38.75 9.91 24.24
C ALA A 189 -39.80 9.62 23.17
N ASN A 190 -39.77 8.37 22.68
CA ASN A 190 -40.61 7.79 21.62
C ASN A 190 -40.86 8.71 20.42
N PHE A 191 -39.85 9.48 20.03
CA PHE A 191 -39.93 10.34 18.86
C PHE A 191 -38.77 10.03 17.93
N THR A 192 -38.99 10.27 16.65
CA THR A 192 -38.03 9.88 15.63
C THR A 192 -37.86 11.00 14.61
N SER A 193 -36.69 11.01 13.97
CA SER A 193 -36.13 11.99 13.03
C SER A 193 -36.51 11.63 11.60
N PRO A 194 -36.78 12.64 10.77
CA PRO A 194 -37.12 12.38 9.37
C PRO A 194 -36.02 11.69 8.57
N VAL A 195 -34.74 11.96 8.84
CA VAL A 195 -33.67 11.35 8.07
C VAL A 195 -33.57 9.86 8.37
N ILE A 196 -33.75 9.47 9.63
CA ILE A 196 -33.72 8.06 10.00
C ILE A 196 -34.94 7.33 9.48
N GLU A 197 -36.09 8.01 9.44
CA GLU A 197 -37.30 7.39 8.93
C GLU A 197 -37.24 7.22 7.42
N PHE A 198 -36.67 8.20 6.71
CA PHE A 198 -36.47 8.04 5.27
C PHE A 198 -35.46 6.94 4.97
N TRP A 199 -34.43 6.83 5.81
CA TRP A 199 -33.43 5.79 5.59
C TRP A 199 -33.99 4.40 5.87
N GLU A 200 -34.81 4.27 6.91
CA GLU A 200 -35.25 2.96 7.36
C GLU A 200 -36.52 2.49 6.66
N ARG A 201 -37.44 3.39 6.32
CA ARG A 201 -38.71 2.98 5.78
C ARG A 201 -38.93 3.39 4.32
N ASN A 202 -37.99 4.10 3.71
CA ASN A 202 -38.08 4.31 2.27
C ASN A 202 -36.91 3.71 1.51
N VAL A 203 -35.68 3.98 1.95
CA VAL A 203 -34.52 3.39 1.29
C VAL A 203 -34.41 1.92 1.63
N LEU A 204 -34.22 1.62 2.90
CA LEU A 204 -34.08 0.23 3.32
C LEU A 204 -35.40 -0.51 3.23
N SER A 205 -36.51 0.16 3.57
CA SER A 205 -37.81 -0.44 3.86
C SER A 205 -37.63 -1.61 4.84
N LEU A 206 -37.14 -1.26 6.03
CA LEU A 206 -36.58 -2.23 6.95
C LEU A 206 -37.66 -3.13 7.53
N SER A 207 -37.40 -4.43 7.52
CA SER A 207 -38.33 -5.43 8.01
C SER A 207 -38.00 -5.77 9.46
N SER A 208 -38.70 -6.77 10.00
CA SER A 208 -38.55 -7.12 11.40
C SER A 208 -37.24 -7.82 11.71
N GLY A 209 -36.61 -8.45 10.71
CA GLY A 209 -35.37 -9.14 10.95
C GLY A 209 -34.91 -9.86 9.70
N ILE A 210 -33.83 -10.63 9.87
CA ILE A 210 -33.32 -11.44 8.76
C ILE A 210 -34.20 -12.67 8.54
N ASP A 211 -35.05 -13.02 9.51
CA ASP A 211 -36.02 -14.08 9.32
C ASP A 211 -37.09 -13.68 8.32
N ASN A 212 -37.34 -12.38 8.16
CA ASN A 212 -38.43 -11.85 7.35
C ASN A 212 -37.70 -11.00 6.31
N PRO A 213 -37.32 -11.57 5.17
CA PRO A 213 -36.69 -10.76 4.12
C PRO A 213 -37.66 -9.84 3.40
N GLY A 214 -38.96 -10.07 3.51
CA GLY A 214 -39.92 -9.24 2.82
C GLY A 214 -39.88 -9.48 1.31
N SER A 215 -40.26 -8.46 0.57
CA SER A 215 -40.25 -8.52 -0.88
C SER A 215 -39.01 -7.81 -1.42
N LEU A 216 -38.59 -8.20 -2.62
CA LEU A 216 -37.44 -7.57 -3.25
C LEU A 216 -37.82 -6.17 -3.69
N LYS A 217 -37.06 -5.18 -3.22
CA LYS A 217 -37.30 -3.79 -3.59
C LYS A 217 -36.90 -3.59 -5.04
N TRP A 218 -37.89 -3.31 -5.90
CA TRP A 218 -37.61 -3.06 -7.32
C TRP A 218 -36.79 -1.80 -7.51
N ASP A 219 -37.01 -0.78 -6.66
CA ASP A 219 -36.26 0.46 -6.76
C ASP A 219 -34.78 0.23 -6.51
N LEU A 220 -34.46 -0.44 -5.41
CA LEU A 220 -33.08 -0.70 -5.07
C LEU A 220 -32.44 -1.75 -5.97
N ALA A 221 -33.22 -2.71 -6.47
CA ALA A 221 -32.68 -3.68 -7.41
C ALA A 221 -32.33 -3.02 -8.74
N LEU A 222 -33.16 -2.09 -9.20
CA LEU A 222 -32.82 -1.37 -10.43
C LEU A 222 -31.64 -0.42 -10.22
N CYS A 223 -31.52 0.18 -9.02
CA CYS A 223 -30.35 0.99 -8.71
C CYS A 223 -29.07 0.16 -8.69
N LEU A 224 -29.15 -1.05 -8.10
CA LEU A 224 -28.03 -1.96 -8.07
C LEU A 224 -27.64 -2.43 -9.46
N LEU A 225 -28.65 -2.70 -10.31
CA LEU A 225 -28.40 -3.08 -11.69
C LEU A 225 -27.77 -1.96 -12.47
N LEU A 226 -28.19 -0.71 -12.23
CA LEU A 226 -27.57 0.44 -12.87
C LEU A 226 -26.12 0.58 -12.47
N VAL A 227 -25.81 0.36 -11.19
CA VAL A 227 -24.44 0.53 -10.74
C VAL A 227 -23.54 -0.59 -11.27
N TRP A 228 -24.04 -1.84 -11.34
CA TRP A 228 -23.26 -2.84 -12.07
C TRP A 228 -23.19 -2.61 -13.57
N LEU A 229 -24.18 -1.97 -14.18
CA LEU A 229 -24.03 -1.68 -15.61
C LEU A 229 -22.93 -0.65 -15.81
N VAL A 230 -22.83 0.32 -14.91
CA VAL A 230 -21.72 1.28 -14.94
C VAL A 230 -20.39 0.58 -14.70
N CYS A 231 -20.34 -0.30 -13.70
CA CYS A 231 -19.10 -1.02 -13.38
C CYS A 231 -18.67 -1.92 -14.53
N PHE A 232 -19.57 -2.76 -15.03
CA PHE A 232 -19.27 -3.68 -16.11
C PHE A 232 -18.92 -2.95 -17.40
N PHE A 233 -19.53 -1.79 -17.65
CA PHE A 233 -19.12 -0.99 -18.78
C PHE A 233 -17.83 -0.21 -18.51
N CYS A 234 -17.32 -0.23 -17.27
CA CYS A 234 -16.07 0.47 -16.99
C CYS A 234 -14.98 -0.42 -16.37
N ILE A 235 -14.99 -1.74 -16.61
CA ILE A 235 -13.80 -2.50 -16.24
C ILE A 235 -12.89 -2.57 -17.46
N TRP A 236 -13.15 -3.51 -18.37
CA TRP A 236 -12.42 -3.68 -19.62
C TRP A 236 -13.36 -3.95 -20.79
N LYS A 237 -14.68 -3.87 -20.59
CA LYS A 237 -15.59 -3.80 -21.71
C LYS A 237 -15.38 -2.51 -22.50
N GLY A 238 -14.97 -1.44 -21.83
CA GLY A 238 -14.35 -0.31 -22.49
C GLY A 238 -12.86 -0.57 -22.62
N VAL A 239 -12.03 0.44 -22.34
CA VAL A 239 -10.58 0.20 -22.33
C VAL A 239 -10.03 0.57 -20.96
N ARG A 240 -10.10 1.86 -20.62
CA ARG A 240 -9.61 2.40 -19.36
C ARG A 240 -10.07 3.86 -19.27
N SER A 241 -10.55 4.26 -18.09
CA SER A 241 -10.82 5.66 -17.83
C SER A 241 -9.50 6.39 -17.63
N THR A 242 -9.16 7.28 -18.57
CA THR A 242 -7.83 7.88 -18.60
C THR A 242 -7.86 9.40 -18.45
N GLY A 243 -8.67 10.10 -19.23
CA GLY A 243 -8.63 11.55 -19.25
C GLY A 243 -9.29 12.23 -18.07
N LYS A 244 -10.45 11.73 -17.66
CA LYS A 244 -11.23 12.36 -16.59
C LYS A 244 -10.85 11.90 -15.20
N VAL A 245 -10.07 10.82 -15.09
CA VAL A 245 -9.74 10.27 -13.78
C VAL A 245 -8.69 11.12 -13.05
N VAL A 246 -7.96 11.96 -13.78
CA VAL A 246 -6.78 12.59 -13.18
C VAL A 246 -7.16 13.81 -12.34
N TYR A 247 -8.29 14.48 -12.64
CA TYR A 247 -8.62 15.69 -11.90
C TYR A 247 -9.96 15.63 -11.19
N PHE A 248 -11.04 15.27 -11.89
CA PHE A 248 -12.35 15.26 -11.25
C PHE A 248 -12.46 14.14 -10.23
N THR A 249 -12.06 12.94 -10.64
CA THR A 249 -12.02 11.78 -9.75
C THR A 249 -11.06 11.99 -8.58
N ALA A 250 -9.87 12.52 -8.85
CA ALA A 250 -8.85 12.60 -7.83
C ALA A 250 -9.08 13.72 -6.82
N THR A 251 -9.90 14.70 -7.14
CA THR A 251 -10.00 15.88 -6.28
C THR A 251 -11.42 16.18 -5.82
N PHE A 252 -12.43 15.97 -6.67
CA PHE A 252 -13.78 16.35 -6.31
C PHE A 252 -14.37 15.60 -5.12
N PRO A 253 -14.13 14.28 -4.92
CA PRO A 253 -14.47 13.70 -3.61
C PRO A 253 -13.81 14.37 -2.42
N PHE A 254 -12.54 14.75 -2.56
CA PHE A 254 -11.85 15.41 -1.44
C PHE A 254 -12.32 16.85 -1.27
N ALA A 255 -12.67 17.52 -2.36
CA ALA A 255 -13.23 18.86 -2.26
C ALA A 255 -14.60 18.84 -1.59
N MET A 256 -15.43 17.86 -1.93
CA MET A 256 -16.73 17.74 -1.28
C MET A 256 -16.59 17.29 0.17
N LEU A 257 -15.56 16.50 0.48
CA LEU A 257 -15.27 16.15 1.87
C LEU A 257 -14.85 17.38 2.66
N LEU A 258 -14.09 18.28 2.05
CA LEU A 258 -13.70 19.51 2.73
C LEU A 258 -14.91 20.43 2.92
N VAL A 259 -15.82 20.45 1.94
CA VAL A 259 -17.06 21.23 2.09
C VAL A 259 -17.91 20.67 3.22
N LEU A 260 -18.02 19.34 3.30
CA LEU A 260 -18.76 18.70 4.38
C LEU A 260 -18.11 18.95 5.74
N LEU A 261 -16.78 18.96 5.78
CA LEU A 261 -16.05 19.26 7.01
C LEU A 261 -16.30 20.69 7.46
N VAL A 262 -16.27 21.64 6.52
CA VAL A 262 -16.51 23.04 6.85
C VAL A 262 -17.95 23.24 7.30
N ARG A 263 -18.89 22.52 6.70
CA ARG A 263 -20.28 22.59 7.16
C ARG A 263 -20.44 22.00 8.55
N GLY A 264 -19.82 20.84 8.81
CA GLY A 264 -19.99 20.18 10.09
C GLY A 264 -19.36 20.93 11.25
N LEU A 265 -18.17 21.50 11.04
CA LEU A 265 -17.46 22.12 12.15
C LEU A 265 -18.10 23.42 12.61
N THR A 266 -18.83 24.10 11.73
CA THR A 266 -19.54 25.32 12.11
C THR A 266 -20.98 25.09 12.52
N LEU A 267 -21.44 23.84 12.55
CA LEU A 267 -22.77 23.57 13.06
C LEU A 267 -22.80 23.78 14.57
N PRO A 268 -23.91 24.27 15.12
CA PRO A 268 -24.03 24.40 16.58
C PRO A 268 -23.97 23.03 17.26
N GLY A 269 -23.32 22.98 18.41
CA GLY A 269 -23.22 21.74 19.13
C GLY A 269 -22.25 20.74 18.56
N ALA A 270 -21.40 21.14 17.61
CA ALA A 270 -20.44 20.21 17.01
C ALA A 270 -19.29 19.91 17.94
N GLY A 271 -19.06 20.74 18.95
CA GLY A 271 -17.97 20.49 19.89
C GLY A 271 -18.18 19.24 20.71
N GLU A 272 -19.44 18.97 21.11
CA GLU A 272 -19.73 17.73 21.80
C GLU A 272 -19.57 16.52 20.89
N GLY A 273 -19.84 16.69 19.59
CA GLY A 273 -19.60 15.62 18.65
C GLY A 273 -18.12 15.32 18.46
N ILE A 274 -17.29 16.35 18.40
CA ILE A 274 -15.84 16.15 18.34
C ILE A 274 -15.32 15.55 19.64
N LYS A 275 -15.91 15.95 20.78
CA LYS A 275 -15.54 15.35 22.06
C LYS A 275 -15.91 13.87 22.11
N PHE A 276 -17.05 13.51 21.53
CA PHE A 276 -17.42 12.10 21.37
C PHE A 276 -16.45 11.39 20.44
N TYR A 277 -16.01 12.07 19.39
CA TYR A 277 -15.16 11.44 18.38
C TYR A 277 -13.76 11.18 18.89
N LEU A 278 -13.22 12.08 19.69
CA LEU A 278 -11.81 12.04 20.05
C LEU A 278 -11.55 11.47 21.44
N TYR A 279 -12.29 11.94 22.45
CA TYR A 279 -11.98 11.59 23.84
C TYR A 279 -12.40 10.14 24.11
N PRO A 280 -11.48 9.28 24.50
CA PRO A 280 -11.80 7.85 24.60
C PRO A 280 -12.47 7.47 25.90
N ASP A 281 -13.22 6.38 25.83
CA ASP A 281 -13.63 5.62 27.00
C ASP A 281 -12.67 4.45 27.10
N ILE A 282 -11.82 4.46 28.14
CA ILE A 282 -10.72 3.50 28.22
C ILE A 282 -11.24 2.10 28.48
N SER A 283 -12.29 1.98 29.31
CA SER A 283 -12.88 0.67 29.61
C SER A 283 -13.51 0.01 28.40
N ARG A 284 -13.89 0.81 27.39
CA ARG A 284 -14.39 0.24 26.13
C ARG A 284 -13.30 -0.55 25.41
N LEU A 285 -12.03 -0.25 25.67
CA LEU A 285 -10.94 -1.07 25.14
C LEU A 285 -10.86 -2.45 25.79
N GLY A 286 -11.56 -2.67 26.89
CA GLY A 286 -11.61 -4.01 27.47
C GLY A 286 -12.48 -4.98 26.73
N ASP A 287 -13.34 -4.50 25.85
CA ASP A 287 -14.20 -5.28 24.97
C ASP A 287 -13.46 -5.60 23.67
N PRO A 288 -13.60 -6.82 23.14
CA PRO A 288 -12.90 -7.16 21.89
C PRO A 288 -13.51 -6.52 20.66
N GLN A 289 -14.70 -5.94 20.77
CA GLN A 289 -15.39 -5.37 19.61
C GLN A 289 -14.63 -4.20 19.03
N VAL A 290 -14.07 -3.34 19.89
CA VAL A 290 -13.33 -2.19 19.43
C VAL A 290 -12.07 -2.60 18.67
N TRP A 291 -11.36 -3.59 19.21
CA TRP A 291 -10.13 -4.06 18.58
C TRP A 291 -10.41 -4.75 17.26
N ILE A 292 -11.43 -5.61 17.21
CA ILE A 292 -11.75 -6.30 15.96
C ILE A 292 -12.28 -5.32 14.92
N ASP A 293 -13.11 -4.35 15.33
CA ASP A 293 -13.67 -3.38 14.40
C ASP A 293 -12.59 -2.47 13.83
N ALA A 294 -11.69 -1.98 14.68
CA ALA A 294 -10.63 -1.09 14.22
C ALA A 294 -9.59 -1.82 13.38
N GLY A 295 -9.20 -3.03 13.79
CA GLY A 295 -8.20 -3.77 13.03
C GLY A 295 -8.70 -4.18 11.66
N THR A 296 -9.90 -4.73 11.59
CA THR A 296 -10.42 -5.07 10.28
C THR A 296 -10.93 -3.85 9.52
N GLN A 297 -11.10 -2.70 10.17
CA GLN A 297 -11.38 -1.49 9.42
C GLN A 297 -10.11 -0.93 8.78
N ILE A 298 -8.96 -1.07 9.44
CA ILE A 298 -7.68 -0.82 8.78
C ILE A 298 -7.49 -1.76 7.60
N PHE A 299 -7.74 -3.05 7.80
CA PHE A 299 -7.47 -4.02 6.74
C PHE A 299 -8.50 -3.91 5.61
N PHE A 300 -9.72 -3.47 5.92
CA PHE A 300 -10.72 -3.20 4.90
C PHE A 300 -10.36 -1.94 4.13
N SER A 301 -10.13 -0.85 4.86
CA SER A 301 -9.89 0.48 4.34
C SER A 301 -8.61 0.58 3.53
N TYR A 302 -7.71 -0.40 3.66
CA TYR A 302 -6.52 -0.48 2.84
C TYR A 302 -6.64 -1.54 1.76
N ALA A 303 -7.80 -2.22 1.69
CA ALA A 303 -8.13 -3.23 0.68
C ALA A 303 -7.07 -4.34 0.64
N ILE A 304 -6.66 -4.82 1.80
CA ILE A 304 -5.30 -5.32 1.83
C ILE A 304 -5.27 -6.82 2.23
N CYS A 305 -6.41 -7.47 2.21
CA CYS A 305 -6.42 -8.92 2.14
C CYS A 305 -7.30 -9.37 1.00
N LEU A 306 -7.17 -8.67 -0.13
CA LEU A 306 -8.10 -8.77 -1.24
C LEU A 306 -7.47 -9.23 -2.53
N GLY A 307 -6.14 -9.27 -2.61
CA GLY A 307 -5.50 -9.59 -3.86
C GLY A 307 -5.54 -8.48 -4.87
N ALA A 308 -5.93 -7.28 -4.46
CA ALA A 308 -6.08 -6.14 -5.37
C ALA A 308 -4.89 -5.21 -5.34
N MET A 309 -4.34 -4.90 -4.16
CA MET A 309 -3.11 -4.13 -4.10
C MET A 309 -1.94 -4.93 -4.62
N THR A 310 -1.96 -6.25 -4.45
CA THR A 310 -0.97 -7.10 -5.12
C THR A 310 -1.14 -7.06 -6.63
N SER A 311 -2.38 -7.00 -7.11
CA SER A 311 -2.63 -6.91 -8.55
C SER A 311 -2.15 -5.58 -9.12
N LEU A 312 -2.35 -4.49 -8.38
CA LEU A 312 -1.86 -3.19 -8.83
C LEU A 312 -0.36 -3.03 -8.64
N GLY A 313 0.24 -3.76 -7.71
CA GLY A 313 1.69 -3.85 -7.68
C GLY A 313 2.26 -4.72 -8.77
N SER A 314 1.45 -5.63 -9.33
CA SER A 314 1.93 -6.47 -10.41
C SER A 314 2.16 -5.70 -11.70
N TYR A 315 1.50 -4.57 -11.86
CA TYR A 315 1.71 -3.71 -13.01
C TYR A 315 2.78 -2.65 -12.77
N ASN A 316 3.36 -2.61 -11.57
CA ASN A 316 4.49 -1.74 -11.31
C ASN A 316 5.70 -2.22 -12.09
N LYS A 317 6.52 -1.26 -12.53
CA LYS A 317 7.85 -1.60 -13.00
C LYS A 317 8.67 -2.14 -11.85
N TYR A 318 9.66 -2.96 -12.18
CA TYR A 318 10.49 -3.64 -11.18
C TYR A 318 11.23 -2.62 -10.35
N LYS A 319 12.18 -1.89 -10.95
CA LYS A 319 12.96 -0.88 -10.24
C LYS A 319 12.13 0.40 -10.13
N TYR A 320 11.13 0.35 -9.25
CA TYR A 320 10.25 1.48 -9.00
C TYR A 320 10.02 1.61 -7.52
N ASN A 321 10.27 2.81 -7.00
CA ASN A 321 10.19 3.05 -5.56
C ASN A 321 8.76 3.06 -5.07
N SER A 322 8.25 1.89 -4.69
CA SER A 322 6.88 1.80 -4.20
C SER A 322 6.74 2.28 -2.76
N TYR A 323 7.83 2.36 -2.01
CA TYR A 323 7.75 2.65 -0.58
C TYR A 323 7.24 4.05 -0.31
N ARG A 324 7.83 5.06 -0.95
CA ARG A 324 7.43 6.45 -0.68
C ARG A 324 6.02 6.72 -1.16
N ASP A 325 5.65 6.21 -2.34
CA ASP A 325 4.30 6.37 -2.85
C ASP A 325 3.29 5.67 -1.96
N CYS A 326 3.62 4.48 -1.48
CA CYS A 326 2.74 3.74 -0.58
C CYS A 326 2.53 4.47 0.75
N MET A 327 3.59 5.08 1.29
CA MET A 327 3.37 5.79 2.55
C MET A 327 2.62 7.10 2.37
N LEU A 328 2.86 7.83 1.29
CA LEU A 328 2.05 9.03 1.04
C LEU A 328 0.59 8.67 0.79
N LEU A 329 0.33 7.56 0.10
CA LEU A 329 -1.06 7.18 -0.13
C LEU A 329 -1.73 6.58 1.10
N GLY A 330 -0.98 5.88 1.95
CA GLY A 330 -1.53 5.44 3.22
C GLY A 330 -1.82 6.60 4.17
N CYS A 331 -0.95 7.62 4.14
CA CYS A 331 -1.24 8.85 4.88
C CYS A 331 -2.48 9.54 4.33
N LEU A 332 -2.66 9.52 3.01
CA LEU A 332 -3.87 10.07 2.40
C LEU A 332 -5.12 9.32 2.86
N ASN A 333 -5.04 7.98 2.91
CA ASN A 333 -6.18 7.17 3.34
C ASN A 333 -6.56 7.42 4.79
N SER A 334 -5.57 7.38 5.69
CA SER A 334 -5.83 7.58 7.11
C SER A 334 -6.27 9.02 7.39
N GLY A 335 -5.70 10.00 6.69
CA GLY A 335 -6.14 11.37 6.86
C GLY A 335 -7.53 11.61 6.34
N THR A 336 -7.89 10.96 5.22
CA THR A 336 -9.25 11.04 4.70
C THR A 336 -10.25 10.45 5.68
N SER A 337 -9.92 9.30 6.27
CA SER A 337 -10.78 8.71 7.29
C SER A 337 -10.93 9.60 8.51
N PHE A 338 -9.81 10.15 9.00
CA PHE A 338 -9.81 11.00 10.19
C PHE A 338 -10.60 12.29 9.96
N VAL A 339 -10.39 12.93 8.81
CA VAL A 339 -11.06 14.20 8.52
C VAL A 339 -12.55 13.98 8.24
N SER A 340 -12.90 12.92 7.50
CA SER A 340 -14.31 12.60 7.30
C SER A 340 -14.99 12.21 8.59
N GLY A 341 -14.27 11.55 9.50
CA GLY A 341 -14.81 11.29 10.82
C GLY A 341 -15.06 12.56 11.61
N PHE A 342 -14.14 13.54 11.48
CA PHE A 342 -14.35 14.84 12.12
C PHE A 342 -15.62 15.50 11.60
N ALA A 343 -15.82 15.43 10.27
CA ALA A 343 -17.02 15.99 9.66
C ALA A 343 -18.28 15.32 10.18
N ILE A 344 -18.35 13.99 10.07
CA ILE A 344 -19.59 13.29 10.39
C ILE A 344 -19.88 13.32 11.88
N PHE A 345 -18.86 13.34 12.72
CA PHE A 345 -19.15 13.40 14.15
C PHE A 345 -19.46 14.80 14.61
N SER A 346 -18.97 15.84 13.92
CA SER A 346 -19.48 17.18 14.17
C SER A 346 -20.96 17.28 13.79
N ILE A 347 -21.34 16.63 12.68
CA ILE A 347 -22.74 16.60 12.27
C ILE A 347 -23.59 15.85 13.30
N LEU A 348 -23.08 14.73 13.81
CA LEU A 348 -23.81 13.96 14.83
C LEU A 348 -23.92 14.74 16.14
N GLY A 349 -22.90 15.51 16.49
CA GLY A 349 -23.00 16.37 17.66
C GLY A 349 -24.04 17.46 17.47
N PHE A 350 -24.14 18.01 16.25
CA PHE A 350 -25.22 18.95 15.96
C PHE A 350 -26.58 18.29 16.06
N MET A 351 -26.70 17.05 15.57
CA MET A 351 -27.97 16.33 15.63
C MET A 351 -28.38 16.04 17.07
N ALA A 352 -27.41 15.70 17.92
CA ALA A 352 -27.69 15.52 19.33
C ALA A 352 -28.05 16.83 20.02
N GLN A 353 -27.43 17.94 19.60
CA GLN A 353 -27.83 19.25 20.10
C GLN A 353 -29.26 19.59 19.71
N GLU A 354 -29.63 19.28 18.47
CA GLU A 354 -30.93 19.66 17.92
C GLU A 354 -32.06 18.81 18.47
N GLN A 355 -31.82 17.51 18.68
CA GLN A 355 -32.88 16.62 19.13
C GLN A 355 -32.94 16.46 20.64
N GLY A 356 -31.83 16.71 21.34
CA GLY A 356 -31.78 16.53 22.77
C GLY A 356 -31.38 15.15 23.22
N VAL A 357 -31.44 14.16 22.34
CA VAL A 357 -30.96 12.82 22.66
C VAL A 357 -29.44 12.82 22.67
N ASP A 358 -28.84 11.90 23.44
CA ASP A 358 -27.39 11.82 23.55
C ASP A 358 -26.76 11.43 22.21
N ILE A 359 -25.45 11.68 22.11
CA ILE A 359 -24.73 11.56 20.85
C ILE A 359 -24.69 10.10 20.41
N ALA A 360 -24.53 9.18 21.34
CA ALA A 360 -24.43 7.77 20.99
C ALA A 360 -25.76 7.14 20.60
N ASP A 361 -26.87 7.86 20.71
CA ASP A 361 -28.18 7.33 20.36
C ASP A 361 -28.89 8.14 19.29
N VAL A 362 -28.23 9.13 18.69
CA VAL A 362 -28.96 10.06 17.82
C VAL A 362 -29.15 9.48 16.42
N ALA A 363 -28.33 8.52 16.01
CA ALA A 363 -28.41 7.97 14.67
C ALA A 363 -28.18 6.47 14.76
N GLU A 364 -27.92 5.84 13.63
CA GLU A 364 -27.83 4.40 13.54
C GLU A 364 -26.43 3.92 13.87
N SER A 365 -26.33 3.01 14.85
CA SER A 365 -25.06 2.34 15.15
C SER A 365 -24.87 1.14 14.21
N GLY A 366 -24.75 1.46 12.93
CA GLY A 366 -24.73 0.46 11.90
C GLY A 366 -24.52 1.14 10.56
N PRO A 367 -24.64 0.39 9.46
CA PRO A 367 -24.15 0.88 8.16
C PRO A 367 -24.88 2.08 7.57
N GLY A 368 -25.89 2.64 8.23
CA GLY A 368 -26.58 3.78 7.68
C GLY A 368 -26.23 5.10 8.31
N LEU A 369 -25.10 5.18 9.00
CA LEU A 369 -24.71 6.43 9.65
C LEU A 369 -24.31 7.49 8.63
N ALA A 370 -23.61 7.09 7.56
CA ALA A 370 -23.29 8.04 6.50
C ALA A 370 -24.51 8.43 5.68
N PHE A 371 -25.57 7.63 5.73
CA PHE A 371 -26.81 7.95 5.03
C PHE A 371 -27.85 8.60 5.94
N ILE A 372 -27.50 8.87 7.18
CA ILE A 372 -28.36 9.58 8.12
C ILE A 372 -27.75 10.92 8.51
N ALA A 373 -26.46 10.91 8.87
CA ALA A 373 -25.82 12.14 9.31
C ALA A 373 -25.50 13.06 8.15
N TYR A 374 -24.83 12.53 7.11
CA TYR A 374 -24.46 13.35 5.97
C TYR A 374 -25.64 13.96 5.20
N PRO A 375 -26.73 13.24 4.87
CA PRO A 375 -27.90 13.95 4.30
C PRO A 375 -28.52 14.99 5.22
N LYS A 376 -28.43 14.78 6.54
CA LYS A 376 -28.89 15.80 7.48
C LYS A 376 -28.05 17.06 7.38
N ALA A 377 -26.74 16.92 7.21
CA ALA A 377 -25.90 18.10 7.02
C ALA A 377 -26.12 18.73 5.67
N VAL A 378 -26.48 17.93 4.66
CA VAL A 378 -26.85 18.47 3.36
C VAL A 378 -28.08 19.36 3.48
N THR A 379 -29.07 18.96 4.29
CA THR A 379 -30.21 19.83 4.51
C THR A 379 -29.89 21.08 5.32
N MET A 380 -28.71 21.16 5.94
CA MET A 380 -28.28 22.36 6.64
C MET A 380 -27.40 23.27 5.79
N MET A 381 -27.20 22.95 4.52
CA MET A 381 -26.41 23.78 3.63
C MET A 381 -27.31 24.70 2.83
N PRO A 382 -26.79 25.84 2.35
CA PRO A 382 -27.57 26.66 1.41
C PRO A 382 -27.71 25.96 0.07
N LEU A 383 -28.93 25.99 -0.48
CA LEU A 383 -29.39 25.23 -1.64
C LEU A 383 -29.10 23.75 -1.42
N PRO A 384 -29.90 23.07 -0.58
CA PRO A 384 -29.57 21.68 -0.20
C PRO A 384 -29.67 20.68 -1.32
N THR A 385 -30.48 20.94 -2.35
CA THR A 385 -30.61 20.00 -3.46
C THR A 385 -29.29 19.84 -4.22
N PHE A 386 -28.61 20.96 -4.47
CA PHE A 386 -27.33 20.96 -5.18
C PHE A 386 -26.27 20.17 -4.43
N TRP A 387 -26.19 20.37 -3.11
CA TRP A 387 -25.22 19.63 -2.33
C TRP A 387 -25.62 18.18 -2.15
N SER A 388 -26.91 17.86 -2.26
CA SER A 388 -27.33 16.46 -2.23
C SER A 388 -26.86 15.73 -3.47
N ILE A 389 -27.06 16.33 -4.65
CA ILE A 389 -26.57 15.72 -5.89
C ILE A 389 -25.05 15.61 -5.87
N LEU A 390 -24.34 16.65 -5.43
CA LEU A 390 -22.89 16.58 -5.40
C LEU A 390 -22.37 15.60 -4.36
N PHE A 391 -23.03 15.48 -3.21
CA PHE A 391 -22.56 14.54 -2.20
C PHE A 391 -22.79 13.10 -2.62
N PHE A 392 -23.95 12.79 -3.22
CA PHE A 392 -24.14 11.41 -3.60
C PHE A 392 -23.43 11.07 -4.91
N ILE A 393 -23.09 12.08 -5.72
CA ILE A 393 -22.12 11.86 -6.79
C ILE A 393 -20.74 11.59 -6.20
N MET A 394 -20.40 12.24 -5.07
CA MET A 394 -19.13 11.96 -4.41
C MET A 394 -19.06 10.54 -3.87
N LEU A 395 -20.14 10.10 -3.19
CA LEU A 395 -20.19 8.72 -2.71
C LEU A 395 -20.17 7.72 -3.85
N LEU A 396 -20.89 8.02 -4.94
CA LEU A 396 -20.87 7.14 -6.10
C LEU A 396 -19.49 7.10 -6.75
N LEU A 397 -18.80 8.23 -6.83
CA LEU A 397 -17.48 8.25 -7.43
C LEU A 397 -16.48 7.48 -6.60
N LEU A 398 -16.51 7.67 -5.28
CA LEU A 398 -15.62 6.93 -4.38
C LEU A 398 -15.90 5.43 -4.43
N GLY A 399 -17.17 5.04 -4.40
CA GLY A 399 -17.51 3.63 -4.45
C GLY A 399 -17.21 2.99 -5.79
N LEU A 400 -17.45 3.69 -6.90
CA LEU A 400 -17.12 3.13 -8.20
C LEU A 400 -15.62 3.02 -8.41
N ASP A 401 -14.82 3.97 -7.92
CA ASP A 401 -13.37 3.81 -8.02
C ASP A 401 -12.89 2.62 -7.20
N SER A 402 -13.33 2.55 -5.95
CA SER A 402 -12.97 1.45 -5.07
C SER A 402 -13.77 0.18 -5.33
N GLN A 403 -14.54 0.13 -6.40
CA GLN A 403 -15.07 -1.11 -6.93
C GLN A 403 -14.43 -1.53 -8.25
N PHE A 404 -14.15 -0.57 -9.14
CA PHE A 404 -13.35 -0.86 -10.33
C PHE A 404 -12.01 -1.44 -9.94
N VAL A 405 -11.39 -0.91 -8.89
CA VAL A 405 -10.05 -1.37 -8.50
C VAL A 405 -10.11 -2.79 -7.92
N GLU A 406 -11.10 -3.07 -7.06
CA GLU A 406 -11.16 -4.41 -6.47
C GLU A 406 -11.64 -5.45 -7.48
N VAL A 407 -12.56 -5.09 -8.38
CA VAL A 407 -12.95 -6.00 -9.45
C VAL A 407 -11.79 -6.21 -10.42
N GLU A 408 -10.98 -5.17 -10.67
CA GLU A 408 -9.75 -5.35 -11.42
C GLU A 408 -8.77 -6.29 -10.73
N GLY A 409 -8.67 -6.22 -9.41
CA GLY A 409 -7.82 -7.15 -8.69
C GLY A 409 -8.31 -8.58 -8.79
N GLN A 410 -9.63 -8.77 -8.68
CA GLN A 410 -10.22 -10.10 -8.81
C GLN A 410 -10.03 -10.66 -10.21
N ILE A 411 -10.26 -9.83 -11.24
CA ILE A 411 -10.09 -10.26 -12.62
C ILE A 411 -8.63 -10.55 -12.92
N THR A 412 -7.72 -9.66 -12.47
CA THR A 412 -6.29 -9.83 -12.70
C THR A 412 -5.78 -11.12 -12.07
N SER A 413 -6.20 -11.41 -10.84
CA SER A 413 -5.78 -12.64 -10.19
C SER A 413 -6.38 -13.87 -10.87
N LEU A 414 -7.65 -13.80 -11.27
CA LEU A 414 -8.28 -14.97 -11.87
C LEU A 414 -7.91 -15.16 -13.34
N VAL A 415 -7.24 -14.21 -13.98
CA VAL A 415 -6.71 -14.46 -15.31
C VAL A 415 -5.19 -14.66 -15.32
N ASP A 416 -4.49 -14.26 -14.25
CA ASP A 416 -3.15 -14.76 -14.03
C ASP A 416 -3.17 -16.19 -13.54
N LEU A 417 -4.30 -16.62 -12.95
CA LEU A 417 -4.44 -18.01 -12.53
C LEU A 417 -4.61 -18.92 -13.74
N TYR A 418 -5.38 -18.48 -14.73
CA TYR A 418 -5.53 -19.20 -15.99
C TYR A 418 -5.24 -18.29 -17.18
N PRO A 419 -3.97 -18.04 -17.50
CA PRO A 419 -3.67 -17.40 -18.78
C PRO A 419 -3.97 -18.34 -19.93
N SER A 420 -4.38 -17.75 -21.06
CA SER A 420 -4.76 -18.38 -22.33
C SER A 420 -6.03 -19.23 -22.23
N PHE A 421 -6.63 -19.38 -21.06
CA PHE A 421 -8.02 -19.79 -20.95
C PHE A 421 -8.95 -18.60 -20.95
N LEU A 422 -8.46 -17.46 -20.45
CA LEU A 422 -9.14 -16.17 -20.50
C LEU A 422 -8.15 -15.21 -21.17
N ARG A 423 -8.23 -15.11 -22.49
CA ARG A 423 -7.35 -14.23 -23.25
C ARG A 423 -7.87 -12.80 -23.18
N LYS A 424 -7.23 -11.88 -23.91
CA LYS A 424 -7.61 -10.46 -23.89
C LYS A 424 -8.71 -10.13 -24.87
N GLY A 425 -9.56 -11.10 -25.20
CA GLY A 425 -10.54 -10.95 -26.25
C GLY A 425 -11.93 -11.41 -25.86
N TYR A 426 -12.43 -12.41 -26.59
CA TYR A 426 -13.82 -12.86 -26.45
C TYR A 426 -14.09 -13.47 -25.08
N ARG A 427 -13.09 -14.08 -24.46
CA ARG A 427 -13.32 -14.77 -23.19
C ARG A 427 -13.41 -13.80 -22.01
N ARG A 428 -12.59 -12.75 -22.00
CA ARG A 428 -12.68 -11.80 -20.88
C ARG A 428 -13.59 -10.62 -21.29
N GLU A 429 -14.74 -11.01 -21.75
CA GLU A 429 -16.01 -10.28 -21.71
C GLU A 429 -17.11 -11.17 -21.18
N ILE A 430 -17.12 -12.45 -21.58
CA ILE A 430 -18.03 -13.43 -21.01
C ILE A 430 -17.71 -13.64 -19.53
N PHE A 431 -16.42 -13.69 -19.19
CA PHE A 431 -16.02 -13.87 -17.79
C PHE A 431 -16.39 -12.66 -16.95
N ILE A 432 -16.20 -11.45 -17.49
CA ILE A 432 -16.55 -10.23 -16.76
C ILE A 432 -18.06 -10.17 -16.55
N ALA A 433 -18.83 -10.50 -17.59
CA ALA A 433 -20.29 -10.47 -17.48
C ALA A 433 -20.81 -11.53 -16.52
N ILE A 434 -20.21 -12.72 -16.53
CA ILE A 434 -20.62 -13.77 -15.61
C ILE A 434 -20.31 -13.38 -14.18
N LEU A 435 -19.13 -12.81 -13.94
CA LEU A 435 -18.78 -12.39 -12.58
C LEU A 435 -19.66 -11.25 -12.09
N CYS A 436 -19.92 -10.25 -12.93
CA CYS A 436 -20.77 -9.14 -12.52
C CYS A 436 -22.22 -9.58 -12.35
N SER A 437 -22.70 -10.51 -13.18
CA SER A 437 -24.06 -11.00 -13.04
C SER A 437 -24.23 -11.86 -11.80
N ILE A 438 -23.26 -12.72 -11.48
CA ILE A 438 -23.35 -13.54 -10.28
C ILE A 438 -23.24 -12.68 -9.03
N SER A 439 -22.36 -11.66 -9.06
CA SER A 439 -22.26 -10.74 -7.93
C SER A 439 -23.50 -9.89 -7.76
N TYR A 440 -24.15 -9.48 -8.86
CA TYR A 440 -25.40 -8.74 -8.77
C TYR A 440 -26.53 -9.61 -8.23
N LEU A 441 -26.62 -10.86 -8.70
CA LEU A 441 -27.65 -11.77 -8.21
C LEU A 441 -27.46 -12.10 -6.74
N LEU A 442 -26.21 -12.23 -6.29
CA LEU A 442 -25.97 -12.47 -4.88
C LEU A 442 -26.16 -11.19 -4.07
N GLY A 443 -25.99 -10.02 -4.67
CA GLY A 443 -26.34 -8.77 -4.02
C GLY A 443 -27.81 -8.45 -3.99
N LEU A 444 -28.63 -9.18 -4.76
CA LEU A 444 -30.07 -9.04 -4.63
C LEU A 444 -30.60 -9.58 -3.31
N THR A 445 -29.86 -10.48 -2.65
CA THR A 445 -30.29 -11.04 -1.38
C THR A 445 -30.19 -10.06 -0.23
N MET A 446 -29.46 -8.96 -0.42
CA MET A 446 -29.17 -8.01 0.64
C MET A 446 -29.62 -6.62 0.29
N VAL A 447 -30.35 -6.48 -0.82
CA VAL A 447 -30.92 -5.20 -1.22
C VAL A 447 -32.44 -5.24 -1.12
N THR A 448 -32.98 -6.34 -0.61
CA THR A 448 -34.41 -6.55 -0.38
C THR A 448 -34.85 -5.85 0.90
N GLU A 449 -36.07 -6.14 1.37
CA GLU A 449 -36.62 -5.44 2.51
C GLU A 449 -35.98 -5.86 3.82
N GLY A 450 -35.48 -7.09 3.90
CA GLY A 450 -34.69 -7.50 5.04
C GLY A 450 -33.23 -7.57 4.65
N GLY A 451 -32.80 -6.59 3.87
CA GLY A 451 -31.48 -6.61 3.28
C GLY A 451 -30.40 -5.92 4.08
N MET A 452 -30.78 -5.04 5.00
CA MET A 452 -29.80 -4.48 5.92
C MET A 452 -29.26 -5.51 6.89
N TYR A 453 -30.07 -6.49 7.26
CA TYR A 453 -29.57 -7.52 8.15
C TYR A 453 -28.54 -8.40 7.46
N VAL A 454 -28.80 -8.78 6.20
CA VAL A 454 -27.84 -9.51 5.40
C VAL A 454 -26.62 -8.65 5.11
N PHE A 455 -26.82 -7.33 4.93
CA PHE A 455 -25.70 -6.45 4.66
C PHE A 455 -24.79 -6.30 5.88
N GLN A 456 -25.37 -6.15 7.07
CA GLN A 456 -24.57 -6.09 8.27
C GLN A 456 -23.87 -7.42 8.54
N LEU A 457 -24.51 -8.53 8.15
CA LEU A 457 -23.86 -9.83 8.22
C LEU A 457 -22.64 -9.90 7.33
N PHE A 458 -22.78 -9.48 6.06
CA PHE A 458 -21.65 -9.46 5.14
C PHE A 458 -20.56 -8.51 5.59
N ASP A 459 -20.97 -7.35 6.10
CA ASP A 459 -19.99 -6.33 6.46
C ASP A 459 -19.21 -6.70 7.70
N TYR A 460 -19.86 -7.33 8.67
CA TYR A 460 -19.14 -7.80 9.85
C TYR A 460 -18.28 -9.01 9.52
N TYR A 461 -18.77 -9.90 8.66
CA TYR A 461 -18.20 -11.23 8.55
C TYR A 461 -17.52 -11.53 7.22
N ALA A 462 -18.12 -11.16 6.09
CA ALA A 462 -17.73 -11.76 4.81
C ALA A 462 -16.40 -11.22 4.32
N ALA A 463 -16.14 -9.94 4.48
CA ALA A 463 -14.87 -9.40 3.99
C ALA A 463 -14.23 -8.40 4.93
N SER A 464 -14.72 -8.26 6.16
CA SER A 464 -14.14 -7.30 7.09
C SER A 464 -14.16 -7.81 8.51
N GLY A 465 -13.77 -9.05 8.72
CA GLY A 465 -13.77 -9.58 10.07
C GLY A 465 -12.50 -10.32 10.38
N VAL A 466 -12.66 -11.38 11.19
CA VAL A 466 -11.57 -12.30 11.50
C VAL A 466 -11.02 -13.02 10.27
N CYS A 467 -11.73 -13.02 9.15
CA CYS A 467 -11.15 -13.45 7.88
C CYS A 467 -9.99 -12.55 7.46
N LEU A 468 -10.15 -11.23 7.62
CA LEU A 468 -9.07 -10.30 7.29
C LEU A 468 -7.88 -10.50 8.21
N LEU A 469 -8.13 -10.73 9.49
CA LEU A 469 -7.05 -11.03 10.44
C LEU A 469 -6.34 -12.33 10.08
N TRP A 470 -7.11 -13.34 9.68
CA TRP A 470 -6.54 -14.63 9.28
C TRP A 470 -5.62 -14.47 8.07
N VAL A 471 -6.10 -13.78 7.03
CA VAL A 471 -5.30 -13.63 5.82
C VAL A 471 -4.11 -12.72 6.04
N ALA A 472 -4.26 -11.64 6.81
CA ALA A 472 -3.13 -10.76 7.10
C ALA A 472 -2.08 -11.44 7.95
N PHE A 473 -2.51 -12.21 8.97
CA PHE A 473 -1.56 -12.97 9.77
C PHE A 473 -0.82 -13.99 8.93
N PHE A 474 -1.52 -14.67 8.01
CA PHE A 474 -0.84 -15.68 7.23
C PHE A 474 0.08 -15.07 6.19
N GLU A 475 -0.26 -13.89 5.66
CA GLU A 475 0.64 -13.18 4.77
C GLU A 475 1.92 -12.78 5.48
N CYS A 476 1.79 -12.11 6.63
CA CYS A 476 2.95 -11.64 7.36
C CYS A 476 3.77 -12.80 7.92
N PHE A 477 3.10 -13.90 8.30
CA PHE A 477 3.80 -15.08 8.78
C PHE A 477 4.59 -15.75 7.68
N VAL A 478 4.02 -15.87 6.47
CA VAL A 478 4.73 -16.52 5.37
C VAL A 478 5.93 -15.70 4.94
N ILE A 479 5.73 -14.39 4.75
CA ILE A 479 6.83 -13.48 4.43
C ILE A 479 7.91 -13.51 5.50
N ALA A 480 7.51 -13.45 6.76
CA ALA A 480 8.48 -13.28 7.82
C ALA A 480 9.25 -14.55 8.14
N TRP A 481 8.58 -15.70 8.15
CA TRP A 481 9.20 -16.89 8.70
C TRP A 481 9.33 -18.04 7.72
N ILE A 482 8.50 -18.10 6.68
CA ILE A 482 8.62 -19.18 5.72
C ILE A 482 9.30 -18.71 4.44
N TYR A 483 9.33 -17.40 4.20
CA TYR A 483 10.17 -16.81 3.17
C TYR A 483 11.37 -16.08 3.78
N GLY A 484 11.15 -15.31 4.83
CA GLY A 484 12.22 -14.61 5.53
C GLY A 484 12.11 -13.11 5.38
N VAL A 485 12.19 -12.37 6.48
CA VAL A 485 12.30 -10.92 6.37
C VAL A 485 13.64 -10.54 5.78
N ASN A 486 14.68 -11.36 5.98
CA ASN A 486 15.96 -11.06 5.36
C ASN A 486 15.93 -11.33 3.87
N ARG A 487 15.34 -12.47 3.47
CA ARG A 487 15.24 -12.80 2.06
C ARG A 487 14.30 -11.84 1.33
N PHE A 488 13.16 -11.50 1.94
CA PHE A 488 12.27 -10.55 1.30
C PHE A 488 12.83 -9.14 1.33
N SER A 489 13.57 -8.77 2.35
CA SER A 489 14.19 -7.45 2.38
C SER A 489 15.29 -7.33 1.34
N GLU A 490 16.00 -8.43 1.08
CA GLU A 490 16.95 -8.47 -0.03
C GLU A 490 16.24 -8.36 -1.37
N ASP A 491 15.07 -8.98 -1.50
CA ASP A 491 14.26 -8.80 -2.71
C ASP A 491 13.76 -7.36 -2.84
N ILE A 492 13.46 -6.71 -1.72
CA ILE A 492 12.99 -5.33 -1.73
C ILE A 492 14.11 -4.40 -2.18
N ARG A 493 15.33 -4.60 -1.64
CA ARG A 493 16.45 -3.73 -1.98
C ARG A 493 16.79 -3.82 -3.46
N ASP A 494 16.61 -5.00 -4.06
CA ASP A 494 16.99 -5.23 -5.45
C ASP A 494 16.20 -4.35 -6.41
N MET A 495 15.03 -3.88 -6.03
CA MET A 495 14.24 -3.06 -6.92
C MET A 495 13.83 -1.72 -6.34
N ILE A 496 13.52 -1.64 -5.04
CA ILE A 496 13.24 -0.35 -4.42
C ILE A 496 14.53 0.47 -4.33
N GLY A 497 15.60 -0.17 -3.85
CA GLY A 497 16.88 0.47 -3.66
C GLY A 497 17.40 0.43 -2.25
N TYR A 498 16.56 0.14 -1.25
CA TYR A 498 17.03 0.16 0.12
C TYR A 498 16.39 -0.94 0.94
N ARG A 499 17.03 -1.17 2.08
CA ARG A 499 16.52 -2.06 3.11
C ARG A 499 15.33 -1.40 3.81
N PRO A 500 14.20 -2.08 3.96
CA PRO A 500 13.16 -1.59 4.88
C PRO A 500 13.67 -1.56 6.30
N GLY A 501 13.25 -0.56 7.04
CA GLY A 501 13.79 -0.32 8.36
C GLY A 501 13.34 -1.33 9.38
N PRO A 502 13.71 -1.13 10.65
CA PRO A 502 13.28 -2.05 11.71
C PRO A 502 11.80 -1.95 12.03
N TRP A 503 11.05 -1.05 11.40
CA TRP A 503 9.61 -1.00 11.61
C TRP A 503 8.89 -2.02 10.73
N MET A 504 9.11 -1.97 9.41
CA MET A 504 8.45 -2.91 8.50
C MET A 504 8.91 -4.35 8.74
N LYS A 505 10.19 -4.54 8.98
CA LYS A 505 10.72 -5.87 9.23
C LYS A 505 10.12 -6.48 10.50
N TYR A 506 10.03 -5.70 11.57
CA TYR A 506 9.43 -6.19 12.80
C TYR A 506 7.92 -6.09 12.81
N SER A 507 7.31 -5.38 11.85
CA SER A 507 5.86 -5.46 11.74
C SER A 507 5.43 -6.72 11.01
N TRP A 508 6.11 -7.06 9.92
CA TRP A 508 5.84 -8.34 9.28
C TRP A 508 6.27 -9.50 10.17
N ALA A 509 7.35 -9.32 10.93
CA ALA A 509 7.84 -10.37 11.79
C ALA A 509 6.96 -10.53 13.02
N VAL A 510 6.86 -9.48 13.83
CA VAL A 510 6.32 -9.57 15.18
C VAL A 510 4.95 -8.89 15.28
N ILE A 511 4.87 -7.62 14.86
CA ILE A 511 3.75 -6.76 15.28
C ILE A 511 2.45 -7.18 14.63
N THR A 512 2.45 -7.42 13.32
CA THR A 512 1.18 -7.78 12.67
C THR A 512 0.72 -9.21 13.00
N PRO A 513 1.58 -10.25 13.02
CA PRO A 513 1.09 -11.53 13.55
C PRO A 513 0.62 -11.49 14.99
N ALA A 514 1.29 -10.73 15.86
CA ALA A 514 0.84 -10.64 17.25
C ALA A 514 -0.49 -9.91 17.37
N LEU A 515 -0.67 -8.83 16.59
CA LEU A 515 -1.92 -8.09 16.64
C LEU A 515 -3.07 -8.90 16.07
N CYS A 516 -2.85 -9.58 14.94
CA CYS A 516 -3.90 -10.38 14.33
C CYS A 516 -4.26 -11.58 15.19
N VAL A 517 -3.26 -12.28 15.75
CA VAL A 517 -3.52 -13.43 16.61
C VAL A 517 -4.19 -12.98 17.90
N GLY A 518 -3.75 -11.86 18.48
CA GLY A 518 -4.33 -11.39 19.71
C GLY A 518 -5.78 -10.95 19.56
N CYS A 519 -6.10 -10.25 18.47
CA CYS A 519 -7.49 -9.84 18.27
C CYS A 519 -8.36 -11.01 17.82
N PHE A 520 -7.82 -11.96 17.05
CA PHE A 520 -8.58 -13.16 16.69
C PHE A 520 -8.91 -14.00 17.93
N VAL A 521 -7.94 -14.15 18.83
CA VAL A 521 -8.18 -14.90 20.07
C VAL A 521 -9.13 -14.14 20.98
N PHE A 522 -8.95 -12.82 21.08
CA PHE A 522 -9.73 -12.01 22.01
C PHE A 522 -11.18 -11.87 21.55
N SER A 523 -11.44 -11.87 20.24
CA SER A 523 -12.81 -11.82 19.76
C SER A 523 -13.54 -13.14 19.93
N LEU A 524 -12.84 -14.22 20.25
CA LEU A 524 -13.46 -15.52 20.43
C LEU A 524 -13.53 -15.96 21.88
N VAL A 525 -12.58 -15.57 22.73
CA VAL A 525 -12.66 -15.91 24.15
C VAL A 525 -13.56 -14.95 24.90
N LYS A 526 -13.92 -13.83 24.30
CA LYS A 526 -14.88 -12.87 24.84
C LYS A 526 -15.94 -12.58 23.79
N TYR A 527 -16.48 -13.65 23.21
CA TYR A 527 -17.33 -13.53 22.03
C TYR A 527 -18.68 -12.96 22.39
N VAL A 528 -19.01 -11.80 21.81
CA VAL A 528 -20.37 -11.27 21.84
C VAL A 528 -20.92 -11.38 20.42
N PRO A 529 -22.17 -11.80 20.25
CA PRO A 529 -22.69 -12.02 18.90
C PRO A 529 -22.96 -10.69 18.20
N LEU A 530 -23.02 -10.77 16.88
CA LEU A 530 -23.27 -9.59 16.07
C LEU A 530 -24.69 -9.11 16.28
N THR A 531 -24.83 -7.80 16.53
CA THR A 531 -26.13 -7.16 16.67
C THR A 531 -26.20 -5.97 15.74
N TYR A 532 -27.33 -5.80 15.07
CA TYR A 532 -27.55 -4.69 14.17
C TYR A 532 -28.26 -3.57 14.92
N ASN A 533 -27.65 -2.39 14.91
CA ASN A 533 -28.21 -1.15 15.49
C ASN A 533 -28.48 -1.27 16.98
N LYS A 534 -27.66 -2.07 17.68
CA LYS A 534 -27.61 -2.27 19.13
C LYS A 534 -28.85 -2.95 19.71
N VAL A 535 -29.89 -3.23 18.91
CA VAL A 535 -31.13 -3.77 19.45
C VAL A 535 -31.57 -5.04 18.74
N TYR A 536 -31.13 -5.32 17.52
CA TYR A 536 -31.54 -6.52 16.82
C TYR A 536 -30.55 -7.64 17.13
N ARG A 537 -31.02 -8.68 17.80
CA ARG A 537 -30.21 -9.85 18.07
C ARG A 537 -30.36 -10.82 16.91
N TYR A 538 -29.24 -11.15 16.28
CA TYR A 538 -29.27 -12.06 15.15
C TYR A 538 -29.58 -13.48 15.62
N PRO A 539 -30.26 -14.28 14.79
CA PRO A 539 -30.50 -15.68 15.16
C PRO A 539 -29.23 -16.50 15.07
N ASP A 540 -29.34 -17.76 15.49
CA ASP A 540 -28.20 -18.66 15.44
C ASP A 540 -27.85 -19.03 14.01
N TRP A 541 -28.85 -19.16 13.14
CA TRP A 541 -28.56 -19.53 11.76
C TRP A 541 -27.93 -18.39 10.98
N ALA A 542 -28.28 -17.13 11.29
CA ALA A 542 -27.68 -16.01 10.58
C ALA A 542 -26.25 -15.78 11.03
N ILE A 543 -25.98 -15.94 12.32
CA ILE A 543 -24.60 -15.90 12.81
C ILE A 543 -23.80 -17.06 12.22
N GLY A 544 -24.43 -18.21 12.07
CA GLY A 544 -23.78 -19.33 11.39
C GLY A 544 -23.51 -19.06 9.92
N LEU A 545 -24.41 -18.34 9.25
CA LEU A 545 -24.19 -17.97 7.86
C LEU A 545 -23.07 -16.96 7.71
N GLY A 546 -23.00 -15.99 8.63
CA GLY A 546 -21.90 -15.05 8.62
C GLY A 546 -20.57 -15.73 8.91
N TRP A 547 -20.55 -16.66 9.85
CA TRP A 547 -19.37 -17.45 10.08
C TRP A 547 -19.07 -18.39 8.92
N GLY A 548 -20.08 -18.77 8.14
CA GLY A 548 -19.82 -19.51 6.92
C GLY A 548 -19.12 -18.66 5.87
N LEU A 549 -19.49 -17.38 5.76
CA LEU A 549 -18.79 -16.48 4.86
C LEU A 549 -17.36 -16.24 5.31
N ALA A 550 -17.19 -15.98 6.62
CA ALA A 550 -15.85 -15.80 7.18
C ALA A 550 -15.01 -17.05 7.03
N LEU A 551 -15.60 -18.23 7.24
CA LEU A 551 -14.85 -19.47 7.12
C LEU A 551 -14.61 -19.86 5.67
N SER A 552 -15.47 -19.45 4.74
CA SER A 552 -15.15 -19.67 3.33
C SER A 552 -13.98 -18.80 2.91
N SER A 553 -13.86 -17.62 3.50
CA SER A 553 -12.66 -16.81 3.30
C SER A 553 -11.44 -17.46 3.96
N MET A 554 -11.60 -17.94 5.20
CA MET A 554 -10.47 -18.47 5.97
C MET A 554 -9.95 -19.77 5.40
N LEU A 555 -10.82 -20.75 5.20
CA LEU A 555 -10.51 -22.13 4.90
C LEU A 555 -9.97 -22.34 3.54
N CYS A 556 -9.67 -21.31 2.74
CA CYS A 556 -8.92 -21.53 1.52
C CYS A 556 -7.44 -21.73 1.78
N ILE A 557 -6.95 -21.37 2.96
CA ILE A 557 -5.54 -21.61 3.30
C ILE A 557 -5.30 -23.05 3.74
N PRO A 558 -6.02 -23.63 4.73
CA PRO A 558 -5.72 -25.04 5.06
C PRO A 558 -6.18 -26.01 4.00
N LEU A 559 -7.22 -25.70 3.23
CA LEU A 559 -7.64 -26.59 2.16
C LEU A 559 -6.60 -26.66 1.06
N VAL A 560 -6.00 -25.53 0.69
CA VAL A 560 -4.94 -25.55 -0.31
C VAL A 560 -3.69 -26.21 0.24
N ILE A 561 -3.41 -26.03 1.54
CA ILE A 561 -2.29 -26.74 2.18
C ILE A 561 -2.50 -28.25 2.09
N VAL A 562 -3.71 -28.72 2.37
CA VAL A 562 -4.01 -30.14 2.32
C VAL A 562 -3.99 -30.66 0.88
N ILE A 563 -4.51 -29.88 -0.07
CA ILE A 563 -4.56 -30.29 -1.47
C ILE A 563 -3.15 -30.44 -2.03
N LEU A 564 -2.30 -29.43 -1.83
CA LEU A 564 -0.92 -29.53 -2.32
C LEU A 564 -0.07 -30.51 -1.52
N LEU A 565 -0.41 -30.78 -0.26
CA LEU A 565 0.29 -31.85 0.45
C LEU A 565 -0.14 -33.23 -0.03
N CYS A 566 -1.33 -33.35 -0.61
CA CYS A 566 -1.78 -34.64 -1.13
C CYS A 566 -1.36 -34.88 -2.57
N ARG A 567 -1.01 -33.85 -3.34
CA ARG A 567 -0.63 -34.02 -4.73
C ARG A 567 0.88 -34.04 -4.96
N THR A 568 1.68 -34.07 -3.90
CA THR A 568 3.12 -34.18 -4.01
C THR A 568 3.56 -35.50 -3.40
N GLU A 569 4.40 -36.24 -4.13
CA GLU A 569 4.79 -37.59 -3.74
C GLU A 569 6.02 -37.54 -2.84
N GLY A 570 5.98 -38.33 -1.77
CA GLY A 570 7.10 -38.43 -0.86
C GLY A 570 6.69 -38.33 0.59
N PRO A 571 7.65 -38.33 1.50
CA PRO A 571 7.34 -38.11 2.91
C PRO A 571 7.05 -36.64 3.19
N LEU A 572 6.53 -36.39 4.39
CA LEU A 572 6.00 -35.08 4.74
C LEU A 572 7.08 -34.00 4.75
N ARG A 573 8.25 -34.31 5.29
CA ARG A 573 9.32 -33.33 5.36
C ARG A 573 9.92 -33.02 4.00
N VAL A 574 9.65 -33.86 2.99
CA VAL A 574 10.06 -33.56 1.62
C VAL A 574 8.98 -32.79 0.88
N ARG A 575 7.70 -33.14 1.10
CA ARG A 575 6.60 -32.41 0.48
C ARG A 575 6.56 -30.97 0.95
N ILE A 576 6.70 -30.75 2.26
CA ILE A 576 6.66 -29.38 2.79
C ILE A 576 7.87 -28.59 2.31
N LYS A 577 9.05 -29.21 2.26
CA LYS A 577 10.24 -28.52 1.78
C LYS A 577 10.13 -28.19 0.30
N TYR A 578 9.51 -29.06 -0.49
CA TYR A 578 9.30 -28.74 -1.90
C TYR A 578 8.29 -27.62 -2.06
N LEU A 579 7.25 -27.60 -1.24
CA LEU A 579 6.18 -26.62 -1.40
C LEU A 579 6.48 -25.30 -0.69
N ILE A 580 7.58 -25.18 0.06
CA ILE A 580 7.98 -23.87 0.57
C ILE A 580 9.11 -23.26 -0.24
N THR A 581 9.73 -24.00 -1.15
CA THR A 581 10.72 -23.39 -2.04
C THR A 581 10.02 -22.56 -3.10
N PRO A 582 10.43 -21.30 -3.30
CA PRO A 582 9.83 -20.47 -4.34
C PRO A 582 10.09 -21.00 -5.75
N ARG A 583 9.13 -20.76 -6.63
CA ARG A 583 9.25 -21.17 -8.02
C ARG A 583 9.35 -19.96 -8.93
N GLU B 1 32.57 1.69 13.88
CA GLU B 1 33.68 1.90 12.95
C GLU B 1 33.71 0.84 11.87
N VAL B 2 33.14 1.18 10.71
CA VAL B 2 33.09 0.26 9.58
C VAL B 2 34.46 0.20 8.94
N GLN B 3 35.03 -1.01 8.84
CA GLN B 3 36.35 -1.19 8.27
C GLN B 3 36.33 -2.34 7.27
N LEU B 4 36.69 -2.05 6.03
CA LEU B 4 36.84 -3.06 5.00
C LEU B 4 38.30 -3.14 4.62
N VAL B 5 38.89 -4.33 4.73
CA VAL B 5 40.30 -4.54 4.44
C VAL B 5 40.39 -5.51 3.27
N GLU B 6 41.01 -5.06 2.18
CA GLU B 6 41.14 -5.88 0.99
C GLU B 6 42.50 -6.57 0.98
N SER B 7 42.53 -7.77 0.43
CA SER B 7 43.73 -8.60 0.41
C SER B 7 43.76 -9.41 -0.88
N GLY B 8 44.91 -10.03 -1.14
CA GLY B 8 45.02 -10.95 -2.23
C GLY B 8 45.29 -10.34 -3.59
N GLY B 9 45.86 -9.14 -3.64
CA GLY B 9 46.22 -8.51 -4.89
C GLY B 9 47.71 -8.56 -5.12
N GLY B 10 48.11 -9.11 -6.25
CA GLY B 10 49.52 -9.26 -6.60
C GLY B 10 49.69 -9.21 -8.09
N LEU B 11 50.66 -9.98 -8.59
CA LEU B 11 50.96 -10.05 -10.01
C LEU B 11 50.56 -11.42 -10.53
N VAL B 12 49.77 -11.44 -11.60
CA VAL B 12 49.34 -12.67 -12.24
C VAL B 12 49.66 -12.58 -13.73
N LYS B 13 49.74 -13.74 -14.36
CA LYS B 13 49.96 -13.81 -15.79
C LYS B 13 48.69 -13.40 -16.53
N PRO B 14 48.82 -12.93 -17.77
CA PRO B 14 47.62 -12.75 -18.61
C PRO B 14 46.91 -14.07 -18.85
N GLY B 15 45.59 -14.05 -18.75
CA GLY B 15 44.82 -15.27 -18.80
C GLY B 15 44.83 -16.08 -17.52
N GLY B 16 45.36 -15.53 -16.43
CA GLY B 16 45.43 -16.24 -15.17
C GLY B 16 44.22 -15.98 -14.28
N SER B 17 44.37 -16.34 -13.01
CA SER B 17 43.30 -16.30 -12.04
C SER B 17 43.81 -15.75 -10.71
N LEU B 18 42.91 -15.10 -9.97
CA LEU B 18 43.24 -14.58 -8.65
C LEU B 18 41.95 -14.46 -7.84
N LYS B 19 42.08 -14.58 -6.52
CA LYS B 19 40.95 -14.50 -5.61
C LYS B 19 41.20 -13.38 -4.61
N LEU B 20 40.37 -12.34 -4.66
CA LEU B 20 40.48 -11.25 -3.72
C LEU B 20 39.73 -11.56 -2.44
N SER B 21 39.87 -10.68 -1.44
CA SER B 21 39.26 -10.93 -0.14
C SER B 21 39.05 -9.58 0.56
N CYS B 22 37.80 -9.11 0.55
CA CYS B 22 37.36 -7.98 1.37
C CYS B 22 36.87 -8.50 2.71
N ALA B 23 37.74 -8.49 3.71
CA ALA B 23 37.33 -8.80 5.07
C ALA B 23 36.66 -7.57 5.67
N ALA B 24 35.41 -7.73 6.10
CA ALA B 24 34.62 -6.62 6.61
C ALA B 24 34.44 -6.75 8.11
N SER B 25 34.41 -5.60 8.79
CA SER B 25 34.21 -5.59 10.23
C SER B 25 33.52 -4.30 10.63
N GLY B 26 32.90 -4.31 11.80
CA GLY B 26 32.25 -3.14 12.34
C GLY B 26 30.79 -2.96 11.97
N PHE B 27 30.20 -3.92 11.27
CA PHE B 27 28.79 -3.83 10.89
C PHE B 27 28.26 -5.23 10.61
N THR B 28 26.94 -5.34 10.63
CA THR B 28 26.27 -6.61 10.33
C THR B 28 26.37 -6.85 8.83
N PHE B 29 27.36 -7.64 8.42
CA PHE B 29 27.72 -7.80 7.01
C PHE B 29 26.62 -8.47 6.19
N SER B 30 25.75 -9.26 6.82
CA SER B 30 24.72 -9.97 6.09
C SER B 30 23.61 -9.06 5.58
N SER B 31 23.50 -7.84 6.12
CA SER B 31 22.41 -6.94 5.80
C SER B 31 22.82 -5.79 4.90
N TYR B 32 24.00 -5.84 4.29
CA TYR B 32 24.49 -4.79 3.41
C TYR B 32 25.02 -5.39 2.12
N ALA B 33 24.51 -4.91 0.99
CA ALA B 33 25.02 -5.32 -0.30
C ALA B 33 26.40 -4.74 -0.53
N MET B 34 27.21 -5.47 -1.29
CA MET B 34 28.61 -5.13 -1.47
C MET B 34 28.91 -4.94 -2.95
N SER B 35 30.00 -4.23 -3.23
CA SER B 35 30.47 -4.13 -4.60
C SER B 35 31.98 -4.16 -4.62
N TRP B 36 32.52 -4.61 -5.74
CA TRP B 36 33.92 -4.46 -6.09
C TRP B 36 33.99 -3.40 -7.16
N VAL B 37 34.71 -2.32 -6.87
CA VAL B 37 34.94 -1.21 -7.79
C VAL B 37 36.44 -1.12 -8.03
N ARG B 38 36.85 -1.16 -9.30
CA ARG B 38 38.26 -1.07 -9.62
C ARG B 38 38.60 0.32 -10.14
N GLN B 39 39.87 0.69 -10.00
CA GLN B 39 40.34 1.97 -10.50
C GLN B 39 41.54 1.76 -11.39
N SER B 40 41.47 2.28 -12.62
CA SER B 40 42.50 2.08 -13.61
C SER B 40 43.77 2.84 -13.23
N PRO B 41 44.91 2.48 -13.80
CA PRO B 41 46.12 3.32 -13.65
C PRO B 41 45.98 4.73 -14.22
N GLU B 42 45.00 4.99 -15.08
CA GLU B 42 44.63 6.35 -15.45
C GLU B 42 43.70 7.02 -14.44
N LYS B 43 43.52 6.38 -13.27
CA LYS B 43 42.76 6.90 -12.13
C LYS B 43 41.29 7.15 -12.48
N ARG B 44 40.72 6.32 -13.35
CA ARG B 44 39.29 6.35 -13.62
C ARG B 44 38.62 5.21 -12.87
N LEU B 45 37.43 5.47 -12.34
CA LEU B 45 36.73 4.50 -11.51
C LEU B 45 35.76 3.71 -12.36
N GLU B 46 35.86 2.38 -12.27
CA GLU B 46 34.95 1.49 -12.98
C GLU B 46 34.39 0.49 -11.98
N TRP B 47 33.07 0.39 -11.91
CA TRP B 47 32.44 -0.57 -11.04
C TRP B 47 32.50 -1.95 -11.69
N VAL B 48 32.87 -2.96 -10.90
CA VAL B 48 33.12 -4.29 -11.45
C VAL B 48 31.95 -5.21 -11.15
N ALA B 49 31.63 -5.41 -9.87
CA ALA B 49 30.67 -6.47 -9.56
C ALA B 49 29.98 -6.23 -8.23
N GLU B 50 28.65 -6.28 -8.23
CA GLU B 50 27.86 -6.10 -7.02
C GLU B 50 27.26 -7.43 -6.59
N ILE B 51 27.30 -7.72 -5.30
CA ILE B 51 26.56 -8.83 -4.74
C ILE B 51 25.55 -8.26 -3.75
N SER B 52 24.43 -8.95 -3.60
CA SER B 52 23.34 -8.49 -2.74
C SER B 52 23.65 -8.83 -1.28
N SER B 53 22.64 -8.69 -0.42
CA SER B 53 22.86 -8.86 1.01
C SER B 53 23.07 -10.32 1.38
N GLY B 54 22.27 -11.21 0.81
CA GLY B 54 22.41 -12.63 1.01
C GLY B 54 23.10 -13.35 -0.10
N GLY B 55 23.46 -12.65 -1.17
CA GLY B 55 24.20 -13.25 -2.25
C GLY B 55 23.37 -13.77 -3.40
N ARG B 56 22.11 -13.37 -3.51
CA ARG B 56 21.25 -13.94 -4.53
C ARG B 56 21.11 -13.06 -5.76
N TYR B 57 21.32 -11.76 -5.63
CA TYR B 57 21.26 -10.83 -6.75
C TYR B 57 22.68 -10.36 -7.02
N ILE B 58 23.28 -10.94 -8.05
CA ILE B 58 24.68 -10.72 -8.39
C ILE B 58 24.73 -10.06 -9.76
N TYR B 59 25.37 -8.90 -9.83
CA TYR B 59 25.47 -8.11 -11.05
C TYR B 59 26.93 -7.92 -11.43
N TYR B 60 27.20 -7.92 -12.72
CA TYR B 60 28.53 -7.66 -13.24
C TYR B 60 28.46 -6.55 -14.26
N SER B 61 29.60 -5.89 -14.48
CA SER B 61 29.70 -4.96 -15.58
C SER B 61 29.92 -5.73 -16.88
N ASP B 62 29.77 -5.03 -18.01
CA ASP B 62 29.86 -5.68 -19.32
C ASP B 62 31.27 -6.16 -19.64
N THR B 63 32.29 -5.63 -18.98
CA THR B 63 33.66 -6.09 -19.20
C THR B 63 33.91 -7.43 -18.53
N VAL B 64 33.36 -7.63 -17.34
CA VAL B 64 33.67 -8.78 -16.51
C VAL B 64 32.48 -9.74 -16.41
N THR B 65 31.56 -9.70 -17.38
CA THR B 65 30.28 -10.38 -17.25
C THR B 65 30.37 -11.90 -17.38
N GLY B 66 31.53 -12.44 -17.75
CA GLY B 66 31.63 -13.88 -17.90
C GLY B 66 32.89 -14.48 -17.32
N ARG B 67 33.69 -13.67 -16.64
CA ARG B 67 34.98 -14.14 -16.14
C ARG B 67 35.30 -13.73 -14.72
N PHE B 68 34.41 -13.00 -14.04
CA PHE B 68 34.59 -12.60 -12.66
C PHE B 68 33.44 -13.18 -11.85
N THR B 69 33.70 -13.60 -10.61
CA THR B 69 32.66 -14.18 -9.77
C THR B 69 32.81 -13.63 -8.36
N ILE B 70 31.81 -12.88 -7.92
CA ILE B 70 31.82 -12.26 -6.59
C ILE B 70 30.97 -13.13 -5.67
N SER B 71 31.49 -13.40 -4.47
CA SER B 71 30.79 -14.22 -3.50
C SER B 71 30.93 -13.59 -2.13
N ARG B 72 30.08 -14.02 -1.20
CA ARG B 72 30.19 -13.58 0.17
C ARG B 72 30.48 -14.74 1.10
N ASP B 73 30.92 -14.38 2.30
CA ASP B 73 30.99 -15.29 3.44
C ASP B 73 30.41 -14.48 4.60
N ASN B 74 29.09 -14.59 4.78
CA ASN B 74 28.40 -13.85 5.83
C ASN B 74 28.67 -14.45 7.20
N ALA B 75 29.01 -15.73 7.26
CA ALA B 75 29.34 -16.36 8.54
C ALA B 75 30.65 -15.82 9.08
N ARG B 76 31.62 -15.54 8.21
CA ARG B 76 32.92 -15.07 8.62
C ARG B 76 33.20 -13.63 8.21
N ASN B 77 32.29 -13.00 7.45
CA ASN B 77 32.39 -11.61 6.97
C ASN B 77 33.61 -11.39 6.06
N ILE B 78 33.65 -12.13 4.95
CA ILE B 78 34.63 -11.87 3.90
C ILE B 78 33.92 -11.84 2.56
N LEU B 79 34.07 -10.73 1.85
CA LEU B 79 33.67 -10.62 0.45
C LEU B 79 34.81 -11.10 -0.45
N HIS B 80 34.50 -12.00 -1.37
CA HIS B 80 35.48 -12.58 -2.29
C HIS B 80 35.18 -12.14 -3.71
N LEU B 81 36.23 -11.93 -4.50
CA LEU B 81 36.10 -11.74 -5.94
C LEU B 81 37.08 -12.71 -6.61
N GLU B 82 36.58 -13.88 -7.00
CA GLU B 82 37.39 -14.84 -7.73
C GLU B 82 37.48 -14.41 -9.19
N MET B 83 38.69 -14.22 -9.67
CA MET B 83 38.92 -13.85 -11.05
C MET B 83 39.38 -15.06 -11.85
N SER B 84 39.11 -15.04 -13.14
CA SER B 84 39.62 -16.05 -14.05
C SER B 84 39.75 -15.42 -15.43
N SER B 85 40.75 -15.87 -16.17
CA SER B 85 41.11 -15.35 -17.50
C SER B 85 41.33 -13.84 -17.46
N LEU B 86 42.25 -13.43 -16.59
CA LEU B 86 42.55 -12.01 -16.44
C LEU B 86 43.33 -11.50 -17.64
N ARG B 87 42.74 -10.54 -18.36
CA ARG B 87 43.39 -9.96 -19.52
C ARG B 87 44.26 -8.78 -19.10
N SER B 88 44.86 -8.12 -20.10
CA SER B 88 45.81 -7.04 -19.83
C SER B 88 45.12 -5.81 -19.26
N GLU B 89 43.92 -5.50 -19.73
CA GLU B 89 43.21 -4.30 -19.27
C GLU B 89 42.30 -4.58 -18.07
N ASP B 90 42.85 -5.36 -17.13
CA ASP B 90 42.25 -5.57 -15.82
C ASP B 90 43.20 -5.20 -14.71
N THR B 91 44.41 -4.75 -15.04
CA THR B 91 45.33 -4.21 -14.04
C THR B 91 44.74 -2.97 -13.43
N ALA B 92 44.51 -3.00 -12.12
CA ALA B 92 43.76 -1.94 -11.47
C ALA B 92 44.06 -1.96 -9.97
N MET B 93 43.44 -1.01 -9.28
CA MET B 93 43.47 -0.91 -7.83
C MET B 93 42.05 -1.23 -7.39
N TYR B 94 41.86 -2.40 -6.79
CA TYR B 94 40.52 -2.90 -6.49
C TYR B 94 40.14 -2.50 -5.08
N TYR B 95 39.00 -1.81 -4.96
CA TYR B 95 38.39 -1.47 -3.68
C TYR B 95 37.11 -2.27 -3.57
N CYS B 96 36.78 -2.70 -2.35
CA CYS B 96 35.45 -3.17 -2.04
C CYS B 96 34.70 -2.00 -1.40
N ALA B 97 33.48 -1.78 -1.85
CA ALA B 97 32.69 -0.64 -1.43
C ALA B 97 31.36 -1.13 -0.89
N ARG B 98 30.99 -0.64 0.28
CA ARG B 98 29.73 -1.02 0.91
C ARG B 98 28.63 -0.14 0.34
N GLY B 99 27.88 -0.66 -0.62
CA GLY B 99 26.70 0.05 -1.05
C GLY B 99 25.46 -0.80 -0.91
N GLU B 100 24.62 -0.48 0.05
CA GLU B 100 23.38 -1.21 0.27
C GLU B 100 22.16 -0.39 -0.09
N VAL B 101 22.06 0.84 0.42
CA VAL B 101 21.01 1.74 -0.01
C VAL B 101 21.42 2.31 -1.35
N ARG B 102 20.55 2.17 -2.36
CA ARG B 102 20.90 2.70 -3.67
C ARG B 102 20.85 4.22 -3.74
N GLN B 103 20.26 4.87 -2.75
CA GLN B 103 20.21 6.32 -2.66
C GLN B 103 21.27 6.88 -1.73
N ARG B 104 22.00 6.02 -1.02
CA ARG B 104 23.13 6.44 -0.21
C ARG B 104 24.46 6.17 -0.87
N GLY B 105 24.51 5.39 -1.94
CA GLY B 105 25.77 5.16 -2.61
C GLY B 105 26.70 4.24 -1.83
N PHE B 106 27.98 4.29 -2.21
CA PHE B 106 29.03 3.53 -1.53
C PHE B 106 29.54 4.33 -0.35
N ASP B 107 28.80 4.27 0.75
CA ASP B 107 29.13 5.13 1.88
C ASP B 107 30.36 4.68 2.65
N TYR B 108 30.87 3.47 2.42
CA TYR B 108 32.07 3.00 3.09
C TYR B 108 32.90 2.20 2.10
N TRP B 109 34.07 2.71 1.75
CA TRP B 109 35.02 2.02 0.90
C TRP B 109 36.08 1.35 1.74
N GLY B 110 36.92 0.56 1.08
CA GLY B 110 38.05 -0.07 1.72
C GLY B 110 39.37 0.44 1.18
N GLN B 111 40.43 -0.32 1.44
CA GLN B 111 41.75 -0.06 0.89
C GLN B 111 41.82 -0.58 -0.54
N GLY B 112 43.01 -0.75 -1.08
CA GLY B 112 43.16 -1.26 -2.43
C GLY B 112 43.96 -2.55 -2.49
N THR B 113 43.72 -3.32 -3.54
CA THR B 113 44.64 -4.37 -3.97
C THR B 113 45.10 -4.04 -5.37
N THR B 114 46.41 -3.98 -5.57
CA THR B 114 46.98 -3.61 -6.86
C THR B 114 47.13 -4.88 -7.69
N LEU B 115 46.10 -5.21 -8.46
CA LEU B 115 46.20 -6.34 -9.37
C LEU B 115 46.93 -5.90 -10.63
N THR B 116 48.05 -6.54 -10.91
CA THR B 116 48.84 -6.24 -12.10
C THR B 116 48.90 -7.47 -12.99
N VAL B 117 48.70 -7.26 -14.28
CA VAL B 117 48.71 -8.33 -15.27
C VAL B 117 49.89 -8.08 -16.20
N SER B 118 50.81 -9.04 -16.25
CA SER B 118 52.03 -8.87 -17.03
C SER B 118 52.65 -10.22 -17.40
N GLU C 1 26.18 0.50 -21.52
CA GLU C 1 26.32 1.15 -20.23
C GLU C 1 25.76 2.57 -20.27
N ASN C 2 25.39 3.08 -19.09
CA ASN C 2 24.99 4.47 -18.93
C ASN C 2 26.28 5.27 -18.72
N VAL C 3 26.88 5.71 -19.81
CA VAL C 3 28.17 6.39 -19.76
C VAL C 3 27.98 7.81 -19.24
N LEU C 4 28.60 8.11 -18.11
CA LEU C 4 28.51 9.42 -17.49
C LEU C 4 29.74 10.24 -17.88
N THR C 5 29.52 11.26 -18.71
CA THR C 5 30.59 12.15 -19.14
C THR C 5 30.60 13.36 -18.21
N GLN C 6 31.68 13.53 -17.48
CA GLN C 6 31.81 14.59 -16.50
C GLN C 6 32.72 15.68 -17.08
N SER C 7 32.82 16.82 -16.37
CA SER C 7 33.61 17.96 -16.82
C SER C 7 35.09 17.56 -16.92
N PRO C 8 35.86 18.24 -17.80
CA PRO C 8 37.26 17.88 -18.00
C PRO C 8 38.07 17.89 -16.71
N ALA C 9 38.99 16.92 -16.61
CA ALA C 9 39.55 16.53 -15.32
C ALA C 9 40.41 17.64 -14.72
N ILE C 10 41.34 18.19 -15.49
CA ILE C 10 42.25 19.19 -14.95
C ILE C 10 41.53 20.54 -14.98
N MET C 11 41.17 21.03 -13.80
CA MET C 11 40.71 22.40 -13.62
C MET C 11 41.42 22.99 -12.41
N SER C 12 41.82 24.25 -12.53
CA SER C 12 42.66 24.91 -11.55
C SER C 12 41.92 26.10 -10.96
N THR C 13 41.84 26.15 -9.63
CA THR C 13 41.18 27.24 -8.94
C THR C 13 42.06 27.78 -7.82
N SER C 14 42.07 29.09 -7.68
CA SER C 14 42.63 29.72 -6.49
C SER C 14 41.76 29.37 -5.29
N PRO C 15 42.36 29.24 -4.10
CA PRO C 15 41.55 28.94 -2.91
C PRO C 15 40.58 30.05 -2.56
N GLY C 16 39.40 29.67 -2.09
CA GLY C 16 38.35 30.61 -1.77
C GLY C 16 37.51 31.05 -2.94
N GLU C 17 37.64 30.40 -4.09
CA GLU C 17 36.90 30.77 -5.30
C GLU C 17 35.84 29.71 -5.58
N LYS C 18 34.62 30.17 -5.85
CA LYS C 18 33.51 29.26 -6.09
C LYS C 18 33.68 28.52 -7.41
N VAL C 19 33.53 27.21 -7.37
CA VAL C 19 33.79 26.35 -8.52
C VAL C 19 32.62 25.39 -8.72
N THR C 20 32.31 25.07 -9.98
CA THR C 20 31.33 24.07 -10.33
C THR C 20 31.96 23.00 -11.21
N MET C 21 31.39 21.81 -11.15
CA MET C 21 31.76 20.73 -12.05
C MET C 21 30.47 20.01 -12.46
N THR C 22 30.34 19.75 -13.75
CA THR C 22 29.10 19.20 -14.30
C THR C 22 29.27 17.71 -14.60
N CYS C 23 28.14 17.05 -14.81
CA CYS C 23 28.11 15.62 -15.08
C CYS C 23 26.86 15.34 -15.90
N ARG C 24 27.05 14.88 -17.14
CA ARG C 24 25.97 14.50 -18.03
C ARG C 24 25.90 12.98 -18.11
N ALA C 25 24.70 12.47 -18.31
CA ALA C 25 24.49 11.04 -18.44
C ALA C 25 23.87 10.75 -19.81
N SER C 26 24.29 9.62 -20.41
CA SER C 26 23.70 9.21 -21.68
C SER C 26 22.24 8.84 -21.53
N SER C 27 21.92 8.06 -20.50
CA SER C 27 20.55 7.77 -20.13
C SER C 27 20.09 8.80 -19.10
N SER C 28 18.95 8.54 -18.45
CA SER C 28 18.43 9.42 -17.43
C SER C 28 18.62 8.77 -16.07
N VAL C 29 19.36 9.44 -15.19
CA VAL C 29 19.50 9.01 -13.81
C VAL C 29 18.36 9.60 -13.00
N GLY C 30 17.85 8.83 -12.05
CA GLY C 30 16.63 9.20 -11.35
C GLY C 30 16.78 10.30 -10.32
N SER C 31 17.97 10.88 -10.16
CA SER C 31 18.28 12.04 -9.33
C SER C 31 18.14 11.79 -7.83
N SER C 32 17.72 10.59 -7.45
CA SER C 32 17.91 10.09 -6.10
C SER C 32 19.02 9.06 -6.06
N TYR C 33 19.54 8.69 -7.21
CA TYR C 33 20.52 7.63 -7.35
C TYR C 33 21.89 8.09 -7.84
N LEU C 34 22.10 9.38 -8.06
CA LEU C 34 23.39 9.84 -8.53
C LEU C 34 24.14 10.50 -7.38
N HIS C 35 25.36 10.03 -7.17
CA HIS C 35 26.20 10.40 -6.04
C HIS C 35 27.51 10.98 -6.54
N TRP C 36 28.24 11.61 -5.64
CA TRP C 36 29.50 12.25 -5.92
C TRP C 36 30.51 11.76 -4.90
N TYR C 37 31.68 11.34 -5.37
CA TYR C 37 32.72 10.77 -4.54
C TYR C 37 33.97 11.63 -4.66
N GLN C 38 34.65 11.84 -3.54
CA GLN C 38 35.90 12.59 -3.52
C GLN C 38 37.02 11.62 -3.19
N GLN C 39 38.00 11.53 -4.08
CA GLN C 39 39.17 10.68 -3.90
C GLN C 39 40.41 11.55 -3.91
N LYS C 40 41.15 11.55 -2.81
CA LYS C 40 42.38 12.30 -2.74
C LYS C 40 43.52 11.50 -3.37
N SER C 41 44.68 12.14 -3.50
CA SER C 41 45.82 11.50 -4.13
C SER C 41 46.42 10.47 -3.19
N GLY C 42 46.47 9.21 -3.64
CA GLY C 42 46.99 8.14 -2.81
C GLY C 42 46.02 7.63 -1.77
N ALA C 43 44.73 7.91 -1.91
CA ALA C 43 43.72 7.47 -0.95
C ALA C 43 42.51 6.91 -1.69
N SER C 44 41.67 6.21 -0.94
CA SER C 44 40.46 5.61 -1.48
C SER C 44 39.39 6.67 -1.69
N PRO C 45 38.46 6.46 -2.61
CA PRO C 45 37.31 7.35 -2.70
C PRO C 45 36.44 7.26 -1.47
N LYS C 46 35.73 8.35 -1.19
CA LYS C 46 34.77 8.36 -0.11
C LYS C 46 33.53 9.09 -0.59
N LEU C 47 32.39 8.72 0.00
CA LEU C 47 31.12 9.35 -0.36
C LEU C 47 31.14 10.83 0.00
N TRP C 48 30.73 11.66 -0.94
CA TRP C 48 30.71 13.09 -0.69
C TRP C 48 29.34 13.70 -0.81
N ILE C 49 28.56 13.30 -1.80
CA ILE C 49 27.18 13.77 -1.97
C ILE C 49 26.35 12.56 -2.37
N TYR C 50 25.23 12.34 -1.69
CA TYR C 50 24.35 11.24 -2.09
C TYR C 50 22.96 11.77 -2.44
N SER C 51 22.34 11.13 -3.44
CA SER C 51 21.08 11.55 -4.05
C SER C 51 21.16 12.99 -4.56
N THR C 52 22.33 13.36 -5.08
CA THR C 52 22.74 14.57 -5.81
C THR C 52 22.49 15.88 -5.08
N SER C 53 22.00 15.84 -3.85
CA SER C 53 21.81 17.07 -3.07
C SER C 53 22.36 16.97 -1.67
N ASN C 54 22.27 15.81 -1.02
CA ASN C 54 22.62 15.67 0.37
C ASN C 54 24.13 15.65 0.55
N LEU C 55 24.56 15.67 1.82
CA LEU C 55 25.97 15.64 2.17
C LEU C 55 26.25 14.43 3.06
N ALA C 56 27.38 13.79 2.84
CA ALA C 56 27.74 12.61 3.60
C ALA C 56 28.29 13.02 4.96
N SER C 57 28.80 12.05 5.71
CA SER C 57 29.33 12.33 7.04
C SER C 57 30.68 13.03 6.94
N GLY C 58 30.77 14.19 7.58
CA GLY C 58 31.99 14.97 7.56
C GLY C 58 32.16 15.88 6.36
N VAL C 59 31.24 15.84 5.40
CA VAL C 59 31.30 16.76 4.27
C VAL C 59 30.87 18.14 4.74
N PRO C 60 31.67 19.18 4.51
CA PRO C 60 31.29 20.52 4.95
C PRO C 60 30.13 21.08 4.12
N ALA C 61 29.45 22.06 4.73
CA ALA C 61 28.28 22.68 4.10
C ALA C 61 28.62 23.53 2.89
N ARG C 62 29.90 23.82 2.65
CA ARG C 62 30.31 24.54 1.45
C ARG C 62 30.13 23.72 0.19
N PHE C 63 30.02 22.39 0.31
CA PHE C 63 29.76 21.53 -0.82
C PHE C 63 28.26 21.43 -1.05
N SER C 64 27.86 21.55 -2.32
CA SER C 64 26.46 21.43 -2.67
C SER C 64 26.34 20.69 -3.99
N GLY C 65 25.17 20.14 -4.22
CA GLY C 65 24.89 19.48 -5.49
C GLY C 65 23.53 19.89 -6.01
N SER C 66 23.38 19.81 -7.32
CA SER C 66 22.11 20.13 -7.96
C SER C 66 22.02 19.34 -9.27
N GLY C 67 20.91 19.50 -9.96
CA GLY C 67 20.69 18.86 -11.23
C GLY C 67 19.61 17.80 -11.15
N SER C 68 19.19 17.35 -12.34
CA SER C 68 18.13 16.37 -12.44
C SER C 68 18.17 15.71 -13.81
N GLY C 69 17.93 14.41 -13.83
CA GLY C 69 17.75 13.69 -15.08
C GLY C 69 19.04 13.38 -15.81
N THR C 70 19.61 14.38 -16.45
CA THR C 70 20.85 14.23 -17.20
C THR C 70 21.96 15.15 -16.68
N SER C 71 21.68 16.43 -16.51
CA SER C 71 22.67 17.38 -16.05
C SER C 71 22.66 17.43 -14.53
N TYR C 72 23.83 17.20 -13.93
CA TYR C 72 24.03 17.31 -12.49
C TYR C 72 25.30 18.11 -12.25
N SER C 73 25.45 18.64 -11.04
CA SER C 73 26.57 19.53 -10.78
C SER C 73 26.94 19.49 -9.31
N LEU C 74 28.24 19.56 -9.05
CA LEU C 74 28.80 19.77 -7.73
C LEU C 74 29.37 21.18 -7.67
N THR C 75 29.17 21.86 -6.54
CA THR C 75 29.56 23.25 -6.42
C THR C 75 30.21 23.48 -5.06
N ILE C 76 31.34 24.17 -5.07
CA ILE C 76 32.04 24.56 -3.84
C ILE C 76 31.99 26.07 -3.76
N SER C 77 31.43 26.58 -2.66
CA SER C 77 31.34 28.03 -2.49
C SER C 77 32.70 28.64 -2.19
N SER C 78 33.47 28.02 -1.30
CA SER C 78 34.82 28.47 -0.99
C SER C 78 35.72 27.25 -0.91
N VAL C 79 36.78 27.25 -1.71
CA VAL C 79 37.72 26.14 -1.78
C VAL C 79 38.85 26.38 -0.79
N GLU C 80 38.96 25.53 0.22
CA GLU C 80 40.16 25.49 1.04
C GLU C 80 41.14 24.46 0.48
N ALA C 81 42.29 24.34 1.15
CA ALA C 81 43.38 23.49 0.68
C ALA C 81 43.07 22.00 0.75
N GLU C 82 42.01 21.61 1.44
CA GLU C 82 41.63 20.21 1.58
C GLU C 82 40.70 19.73 0.48
N ASP C 83 40.41 20.56 -0.52
CA ASP C 83 39.58 20.15 -1.65
C ASP C 83 40.41 19.66 -2.84
N ALA C 84 41.73 19.58 -2.71
CA ALA C 84 42.60 19.19 -3.81
C ALA C 84 42.49 17.69 -4.01
N ALA C 85 41.52 17.28 -4.84
CA ALA C 85 41.23 15.87 -5.03
C ALA C 85 40.51 15.70 -6.36
N THR C 86 40.04 14.47 -6.61
CA THR C 86 39.29 14.13 -7.82
C THR C 86 37.86 13.82 -7.42
N TYR C 87 36.91 14.27 -8.24
CA TYR C 87 35.49 14.10 -7.93
C TYR C 87 34.82 13.29 -9.03
N TYR C 88 34.13 12.23 -8.64
CA TYR C 88 33.49 11.31 -9.57
C TYR C 88 31.98 11.36 -9.35
N CYS C 89 31.23 11.64 -10.40
CA CYS C 89 29.80 11.44 -10.37
C CYS C 89 29.50 10.00 -10.73
N GLN C 90 28.45 9.45 -10.15
CA GLN C 90 28.18 8.03 -10.30
C GLN C 90 26.69 7.78 -10.20
N GLN C 91 26.09 7.29 -11.28
CA GLN C 91 24.74 6.76 -11.18
C GLN C 91 24.78 5.42 -10.46
N PHE C 92 23.76 5.16 -9.65
CA PHE C 92 23.77 3.93 -8.89
C PHE C 92 22.35 3.37 -8.87
N SER C 93 21.69 3.45 -10.04
CA SER C 93 20.38 2.87 -10.29
C SER C 93 20.42 1.75 -11.31
N GLY C 94 20.92 2.02 -12.52
CA GLY C 94 20.94 1.03 -13.57
C GLY C 94 22.04 0.01 -13.32
N TYR C 95 21.67 -1.27 -13.28
CA TYR C 95 22.49 -2.35 -12.75
C TYR C 95 23.86 -2.55 -13.41
N PRO C 96 24.16 -2.06 -14.64
CA PRO C 96 25.56 -1.77 -14.97
C PRO C 96 25.99 -0.41 -14.43
N LEU C 97 26.41 -0.38 -13.16
CA LEU C 97 26.70 0.85 -12.45
C LEU C 97 27.95 1.51 -13.02
N THR C 98 27.87 2.81 -13.29
CA THR C 98 28.97 3.52 -13.94
C THR C 98 29.36 4.75 -13.14
N PHE C 99 30.67 4.95 -13.01
CA PHE C 99 31.23 6.17 -12.45
C PHE C 99 31.57 7.14 -13.59
N GLY C 100 31.66 8.41 -13.25
CA GLY C 100 32.09 9.41 -14.19
C GLY C 100 33.59 9.42 -14.37
N SER C 101 34.05 10.36 -15.18
CA SER C 101 35.48 10.53 -15.40
C SER C 101 36.11 11.28 -14.24
N GLY C 102 37.34 11.72 -14.42
CA GLY C 102 37.97 12.52 -13.40
C GLY C 102 37.51 13.96 -13.41
N THR C 103 37.64 14.61 -12.26
CA THR C 103 37.63 16.08 -12.17
C THR C 103 38.65 16.45 -11.10
N LYS C 104 39.90 16.64 -11.51
CA LYS C 104 40.99 16.89 -10.59
C LYS C 104 41.00 18.39 -10.28
N LEU C 105 40.67 18.73 -9.05
CA LEU C 105 40.62 20.12 -8.61
C LEU C 105 42.00 20.49 -8.06
N GLU C 106 42.82 21.13 -8.87
CA GLU C 106 44.15 21.57 -8.44
C GLU C 106 44.12 23.06 -8.16
N MET C 107 45.24 23.55 -7.62
CA MET C 107 45.34 24.92 -7.15
C MET C 107 46.26 25.74 -8.06
N LYS C 108 46.50 26.98 -7.65
CA LYS C 108 47.37 27.89 -8.39
C LYS C 108 48.64 28.19 -7.60
C1 TAU D . -11.88 -1.33 -0.60
C2 TAU D . -12.38 -0.70 0.70
N1 TAU D . -12.93 -2.20 -1.12
S TAU D . -12.17 1.09 0.60
O1 TAU D . -13.38 1.86 0.91
O2 TAU D . -11.18 1.66 1.50
O3 TAU D . -11.76 1.56 -0.70
CL CL E . -10.35 4.00 7.62
NA NA F . -12.37 5.19 -4.53
NA NA G . -10.17 3.51 2.87
#